data_7BUJ
#
_entry.id   7BUJ
#
_cell.length_a   47.798
_cell.length_b   109.632
_cell.length_c   75.501
_cell.angle_alpha   90.000
_cell.angle_beta   93.520
_cell.angle_gamma   90.000
#
_symmetry.space_group_name_H-M   'P 1 21 1'
#
loop_
_entity.id
_entity.type
_entity.pdbx_description
1 polymer 'Cyclic GMP-AMP synthase'
2 non-polymer 'ZINC ION'
3 non-polymer "GUANOSINE-5'-TRIPHOSPHATE"
4 non-polymer 'MANGANESE (II) ION'
5 non-polymer "GUANOSINE-5'-MONOPHOSPHATE"
6 water water
#
_entity_poly.entity_id   1
_entity_poly.type   'polypeptide(L)'
_entity_poly.pdbx_seq_one_letter_code
;PRVHPARATELTKDAQPSAMDAAGATARPAVRVPQQQAILDPELPAVREPQPPADPEARKVVRGPSHRRGARSTGQPRAP
RGSRKEPDKLKKVLDKLRLKRKDISEAAETVNKVVERLLRRMQKRESEFKGVEQLNTGSYYEHVKISAPNEFDVMFKLEV
PRIELQEYYETGAFYLVKFKRIPRGNPLSHFLEGEVLSATKMLSKFRKIIKEEVKEIKDIDVSVEKEKPGSPAVTLLIRN
PEEISVDIILALESKGSWPISTKEGLPIQGWLGTKVRTNLRREPFYLVPKNAKDGNSFQGETWRLSFSHTEKYILNNHGI
EKTCCESSGAKCCRKECLKLMKYLLEQLKKEFQELDAFCSYHVKTAIFHMWTQDPQDSQWDPRNLSSCFDKLLAFFLECL
RTEKLDHYFIPKFNLFSQELIDRKSKEFLSKKIEYERNNGFPIFDKL
;
_entity_poly.pdbx_strand_id   A,B
#
# COMPACT_ATOMS: atom_id res chain seq x y z
N PRO A 87 -16.15 -21.57 11.30
CA PRO A 87 -14.91 -21.68 10.53
C PRO A 87 -15.14 -22.45 9.24
N ASP A 88 -16.41 -22.68 8.90
CA ASP A 88 -16.77 -23.48 7.75
C ASP A 88 -16.30 -22.92 6.41
N LYS A 89 -16.77 -21.73 6.04
CA LYS A 89 -16.36 -21.11 4.79
C LYS A 89 -16.10 -19.62 4.99
N LEU A 90 -16.53 -19.05 6.11
CA LEU A 90 -16.21 -17.65 6.40
C LEU A 90 -14.71 -17.42 6.27
N LYS A 91 -13.91 -18.29 6.87
CA LYS A 91 -12.46 -18.16 6.77
C LYS A 91 -12.00 -18.20 5.33
N LYS A 92 -12.62 -19.06 4.53
CA LYS A 92 -12.26 -19.15 3.12
C LYS A 92 -12.91 -18.02 2.31
N VAL A 93 -14.11 -17.59 2.69
CA VAL A 93 -14.65 -16.38 2.07
C VAL A 93 -13.67 -15.22 2.25
N LEU A 94 -13.19 -15.03 3.48
CA LEU A 94 -12.22 -13.96 3.72
C LEU A 94 -10.95 -14.15 2.91
N ASP A 95 -10.48 -15.41 2.81
CA ASP A 95 -9.24 -15.69 2.10
C ASP A 95 -9.32 -15.20 0.65
N LYS A 96 -10.36 -15.61 -0.08
CA LYS A 96 -10.43 -15.20 -1.47
C LYS A 96 -10.75 -13.71 -1.61
N LEU A 97 -11.33 -13.10 -0.57
CA LEU A 97 -11.58 -11.67 -0.62
C LEU A 97 -10.30 -10.86 -0.54
N ARG A 98 -9.27 -11.38 0.12
CA ARG A 98 -7.99 -10.69 0.18
C ARG A 98 -7.44 -10.44 -1.22
N LEU A 99 -7.14 -9.17 -1.53
CA LEU A 99 -6.48 -8.82 -2.78
C LEU A 99 -4.96 -8.76 -2.60
N LYS A 100 -4.23 -8.92 -3.69
CA LYS A 100 -2.78 -8.99 -3.59
C LYS A 100 -2.16 -7.61 -3.75
N ARG A 101 -1.04 -7.40 -3.06
CA ARG A 101 -0.54 -6.05 -2.77
C ARG A 101 -0.02 -5.32 -4.00
N LYS A 102 0.03 -5.93 -5.18
CA LYS A 102 0.24 -5.09 -6.36
C LYS A 102 -1.09 -4.56 -6.88
N ASP A 103 -2.14 -5.40 -6.89
CA ASP A 103 -3.49 -4.89 -7.12
C ASP A 103 -3.80 -3.73 -6.20
N ILE A 104 -3.40 -3.85 -4.94
CA ILE A 104 -3.56 -2.76 -4.00
C ILE A 104 -2.65 -1.60 -4.39
N SER A 105 -1.34 -1.88 -4.49
CA SER A 105 -0.35 -0.87 -4.87
C SER A 105 -0.82 -0.03 -6.04
N GLU A 106 -1.27 -0.68 -7.09
CA GLU A 106 -1.66 -0.01 -8.32
C GLU A 106 -2.88 0.87 -8.25
N ALA A 107 -3.97 0.36 -7.70
CA ALA A 107 -5.16 1.16 -7.43
C ALA A 107 -4.89 2.28 -6.42
N ALA A 108 -4.09 1.98 -5.40
CA ALA A 108 -3.76 2.97 -4.38
C ALA A 108 -2.93 4.10 -4.95
N GLU A 109 -1.86 3.76 -5.68
CA GLU A 109 -1.04 4.79 -6.29
C GLU A 109 -1.84 5.55 -7.35
N THR A 110 -2.68 4.86 -8.09
CA THR A 110 -3.48 5.57 -9.05
C THR A 110 -4.40 6.54 -8.40
N VAL A 111 -5.26 6.06 -7.52
CA VAL A 111 -6.16 6.96 -6.79
C VAL A 111 -5.34 8.02 -6.09
N ASN A 112 -4.28 7.63 -5.38
CA ASN A 112 -3.58 8.64 -4.62
C ASN A 112 -2.93 9.67 -5.52
N LYS A 113 -2.46 9.25 -6.71
CA LYS A 113 -1.84 10.26 -7.55
C LYS A 113 -2.89 11.13 -8.23
N VAL A 114 -4.06 10.57 -8.56
CA VAL A 114 -5.13 11.48 -9.01
C VAL A 114 -5.53 12.42 -7.89
N VAL A 115 -5.70 11.88 -6.66
CA VAL A 115 -6.03 12.76 -5.54
C VAL A 115 -4.89 13.73 -5.26
N GLU A 116 -3.66 13.21 -5.17
CA GLU A 116 -2.55 14.01 -4.64
C GLU A 116 -2.33 15.31 -5.41
N ARG A 117 -2.56 15.21 -6.70
CA ARG A 117 -2.38 16.29 -7.60
C ARG A 117 -3.71 16.92 -7.86
N LEU A 118 -4.81 16.31 -7.52
CA LEU A 118 -6.06 17.01 -7.59
C LEU A 118 -5.92 18.00 -6.41
N LEU A 119 -5.23 17.56 -5.37
CA LEU A 119 -4.94 18.39 -4.21
C LEU A 119 -3.89 19.46 -4.53
N ARG A 120 -2.72 19.02 -5.01
CA ARG A 120 -1.58 19.92 -5.21
C ARG A 120 -1.94 21.09 -6.10
N ARG A 121 -2.90 20.93 -7.00
CA ARG A 121 -3.24 22.08 -7.83
C ARG A 121 -4.32 22.93 -7.17
N MET A 122 -5.32 22.33 -6.53
CA MET A 122 -6.28 23.12 -5.77
C MET A 122 -5.58 23.97 -4.72
N GLN A 123 -4.47 23.51 -4.19
CA GLN A 123 -3.64 24.33 -3.33
C GLN A 123 -3.09 25.57 -4.04
N LYS A 124 -3.24 25.73 -5.35
CA LYS A 124 -2.78 26.93 -6.03
C LYS A 124 -3.55 28.20 -5.66
N ARG A 125 -3.06 29.33 -6.17
CA ARG A 125 -3.66 30.62 -5.89
C ARG A 125 -5.03 30.76 -6.58
N GLU A 126 -5.66 31.86 -6.25
CA GLU A 126 -6.93 32.27 -6.74
C GLU A 126 -8.09 31.37 -6.35
N SER A 127 -7.87 30.32 -5.58
CA SER A 127 -9.00 29.51 -5.20
C SER A 127 -9.46 29.77 -3.82
N GLU A 128 -10.75 29.76 -3.63
CA GLU A 128 -11.32 29.92 -2.33
C GLU A 128 -11.06 28.70 -1.48
N PHE A 129 -10.42 27.70 -2.05
CA PHE A 129 -10.23 26.45 -1.37
C PHE A 129 -8.79 26.20 -0.97
N LYS A 130 -7.88 27.12 -1.27
CA LYS A 130 -6.48 26.89 -0.92
C LYS A 130 -6.34 26.75 0.59
N GLY A 131 -5.34 25.97 0.99
CA GLY A 131 -5.30 25.47 2.33
C GLY A 131 -6.03 24.17 2.52
N VAL A 132 -6.79 23.73 1.51
CA VAL A 132 -7.36 22.40 1.57
C VAL A 132 -6.23 21.40 1.76
N GLU A 133 -6.46 20.45 2.66
CA GLU A 133 -5.56 19.34 2.91
C GLU A 133 -6.39 18.07 2.77
N GLN A 134 -5.74 16.93 2.90
CA GLN A 134 -6.48 15.67 2.89
C GLN A 134 -6.68 15.23 4.33
N LEU A 135 -7.93 15.00 4.70
CA LEU A 135 -8.23 14.51 6.04
C LEU A 135 -7.80 13.05 6.12
N ASN A 136 -7.05 12.68 7.15
CA ASN A 136 -6.68 11.27 7.20
C ASN A 136 -7.88 10.45 7.65
N THR A 137 -8.59 9.89 6.68
CA THR A 137 -9.72 9.00 6.95
C THR A 137 -9.41 7.57 6.54
N GLY A 138 -8.21 7.39 6.09
CA GLY A 138 -7.72 6.14 5.63
C GLY A 138 -7.20 6.04 4.24
N SER A 139 -6.23 5.18 4.04
CA SER A 139 -5.64 4.95 2.76
C SER A 139 -6.41 3.90 2.02
N TYR A 140 -5.88 3.39 0.91
CA TYR A 140 -6.60 2.31 0.16
C TYR A 140 -7.07 1.01 0.94
N TYR A 141 -6.48 0.74 2.10
CA TYR A 141 -6.74 -0.38 2.96
C TYR A 141 -8.24 -0.31 3.43
N GLU A 142 -9.00 0.52 2.76
CA GLU A 142 -10.36 0.53 2.88
C GLU A 142 -10.65 -0.87 2.36
N HIS A 143 -10.13 -1.23 1.17
CA HIS A 143 -10.31 -2.53 0.53
C HIS A 143 -9.90 -3.49 1.52
N VAL A 144 -8.96 -3.01 2.27
CA VAL A 144 -8.28 -4.02 3.07
C VAL A 144 -9.15 -4.58 4.19
N LYS A 145 -9.82 -5.69 3.90
CA LYS A 145 -10.63 -6.37 4.88
C LYS A 145 -11.59 -5.50 5.68
N ILE A 146 -12.05 -4.34 5.15
CA ILE A 146 -13.28 -3.81 5.73
C ILE A 146 -14.32 -3.41 4.67
N SER A 147 -13.89 -3.09 3.45
CA SER A 147 -14.80 -2.54 2.45
C SER A 147 -14.49 -3.09 1.06
N ALA A 148 -15.32 -2.67 0.10
CA ALA A 148 -15.27 -3.14 -1.27
C ALA A 148 -14.26 -2.32 -2.07
N PRO A 149 -13.40 -2.95 -2.87
CA PRO A 149 -12.46 -2.17 -3.68
C PRO A 149 -13.14 -1.40 -4.81
N ASN A 150 -14.41 -1.71 -5.10
CA ASN A 150 -15.15 -1.01 -6.14
C ASN A 150 -15.15 0.50 -5.91
N GLU A 151 -15.45 0.92 -4.68
CA GLU A 151 -15.70 2.32 -4.39
C GLU A 151 -14.76 2.80 -3.30
N PHE A 152 -14.46 4.10 -3.33
CA PHE A 152 -13.57 4.68 -2.34
C PHE A 152 -14.02 6.11 -2.11
N ASP A 153 -13.55 6.71 -1.02
CA ASP A 153 -13.90 8.09 -0.76
C ASP A 153 -12.74 8.77 -0.06
N VAL A 154 -12.52 10.05 -0.37
CA VAL A 154 -11.58 10.85 0.39
C VAL A 154 -12.26 12.16 0.78
N MET A 155 -11.78 12.74 1.86
CA MET A 155 -12.33 13.97 2.39
C MET A 155 -11.28 15.04 2.28
N PHE A 156 -11.65 16.17 1.72
CA PHE A 156 -10.79 17.34 1.62
C PHE A 156 -11.22 18.30 2.72
N LYS A 157 -10.40 18.43 3.76
CA LYS A 157 -10.73 19.28 4.90
C LYS A 157 -10.26 20.71 4.70
N LEU A 158 -11.10 21.64 5.12
CA LEU A 158 -10.80 23.07 5.07
C LEU A 158 -11.06 23.70 6.44
N GLU A 159 -10.00 24.14 7.11
CA GLU A 159 -10.19 24.84 8.37
C GLU A 159 -10.87 26.17 8.10
N VAL A 160 -11.95 26.43 8.83
CA VAL A 160 -12.71 27.66 8.63
C VAL A 160 -12.51 28.51 9.87
N PRO A 161 -12.85 29.78 9.86
CA PRO A 161 -12.82 30.56 11.10
C PRO A 161 -13.85 30.03 12.08
N ARG A 162 -13.97 30.66 13.24
CA ARG A 162 -14.88 30.16 14.24
C ARG A 162 -16.31 30.14 13.69
N ILE A 163 -17.04 29.09 14.06
CA ILE A 163 -18.34 28.77 13.48
C ILE A 163 -19.41 29.01 14.53
N GLU A 164 -20.58 29.48 14.08
CA GLU A 164 -21.82 29.30 14.82
C GLU A 164 -22.69 28.32 14.04
N LEU A 165 -23.08 27.23 14.71
CA LEU A 165 -23.95 26.20 14.14
C LEU A 165 -25.35 26.36 14.70
N GLN A 166 -26.35 26.49 13.83
CA GLN A 166 -27.73 26.44 14.29
C GLN A 166 -28.31 25.10 13.87
N GLU A 167 -28.54 24.24 14.86
CA GLU A 167 -29.13 22.93 14.64
C GLU A 167 -30.39 23.06 13.81
N TYR A 168 -30.42 22.32 12.70
CA TYR A 168 -31.56 22.35 11.79
C TYR A 168 -32.69 21.52 12.36
N TYR A 169 -33.81 22.19 12.65
CA TYR A 169 -34.94 21.55 13.32
C TYR A 169 -34.38 20.93 14.59
N GLU A 170 -34.64 19.64 14.87
CA GLU A 170 -33.92 18.95 15.93
C GLU A 170 -33.39 17.62 15.42
N THR A 171 -32.92 17.64 14.17
CA THR A 171 -32.33 16.46 13.56
C THR A 171 -31.09 15.98 14.30
N GLY A 172 -30.36 16.89 14.93
CA GLY A 172 -29.12 16.56 15.61
C GLY A 172 -27.88 16.47 14.71
N ALA A 173 -28.06 16.04 13.45
CA ALA A 173 -26.95 15.86 12.53
C ALA A 173 -26.81 17.00 11.52
N PHE A 174 -27.89 17.70 11.22
CA PHE A 174 -27.92 18.71 10.18
C PHE A 174 -27.91 20.09 10.80
N TYR A 175 -27.14 20.99 10.19
CA TYR A 175 -26.84 22.28 10.80
C TYR A 175 -26.79 23.37 9.74
N LEU A 176 -27.10 24.60 10.18
CA LEU A 176 -26.80 25.79 9.42
C LEU A 176 -25.51 26.39 9.98
N VAL A 177 -24.63 26.79 9.07
CA VAL A 177 -23.28 27.20 9.43
C VAL A 177 -23.21 28.70 9.26
N LYS A 178 -23.08 29.39 10.39
CA LYS A 178 -22.97 30.84 10.40
C LYS A 178 -21.55 31.22 10.79
N PHE A 179 -21.12 32.38 10.32
CA PHE A 179 -19.85 32.94 10.75
C PHE A 179 -20.12 34.00 11.81
N LYS A 180 -19.48 33.83 12.97
CA LYS A 180 -19.35 34.92 13.93
C LYS A 180 -19.02 36.25 13.26
N ARG A 181 -17.93 36.23 12.50
CA ARG A 181 -17.49 37.32 11.64
C ARG A 181 -16.23 36.82 10.96
N ILE A 182 -15.91 37.42 9.83
CA ILE A 182 -14.82 36.88 9.03
C ILE A 182 -13.65 37.85 9.04
N PRO A 183 -12.43 37.36 9.21
CA PRO A 183 -11.27 38.24 9.12
C PRO A 183 -11.06 38.68 7.70
N ARG A 184 -10.40 39.81 7.55
CA ARG A 184 -10.14 40.31 6.23
C ARG A 184 -9.26 39.36 5.46
N GLY A 185 -9.62 39.20 4.21
CA GLY A 185 -8.89 38.34 3.29
C GLY A 185 -9.27 36.87 3.32
N ASN A 186 -10.27 36.48 4.11
CA ASN A 186 -10.70 35.09 4.07
C ASN A 186 -11.51 34.83 2.80
N PRO A 187 -11.14 33.86 1.98
CA PRO A 187 -11.83 33.66 0.70
C PRO A 187 -13.26 33.17 0.84
N LEU A 188 -13.60 32.55 1.96
CA LEU A 188 -14.90 31.90 2.13
C LEU A 188 -16.07 32.87 2.06
N SER A 189 -15.81 34.19 2.06
CA SER A 189 -16.91 35.14 2.01
C SER A 189 -17.73 35.03 0.73
N HIS A 190 -17.15 34.45 -0.33
CA HIS A 190 -17.85 34.32 -1.60
C HIS A 190 -19.13 33.50 -1.45
N PHE A 191 -19.11 32.45 -0.64
CA PHE A 191 -20.25 31.54 -0.52
C PHE A 191 -21.20 31.92 0.60
N LEU A 192 -21.24 33.18 0.97
CA LEU A 192 -22.08 33.63 2.08
C LEU A 192 -23.43 34.11 1.58
N GLU A 193 -24.46 33.83 2.37
CA GLU A 193 -25.82 34.34 2.15
C GLU A 193 -26.32 34.91 3.47
N GLY A 194 -26.11 36.22 3.65
CA GLY A 194 -26.40 36.86 4.91
C GLY A 194 -25.39 36.43 5.94
N GLU A 195 -25.82 35.55 6.84
CA GLU A 195 -24.92 34.94 7.81
C GLU A 195 -24.70 33.45 7.54
N VAL A 196 -25.14 32.96 6.39
CA VAL A 196 -25.24 31.52 6.14
C VAL A 196 -24.22 31.14 5.10
N LEU A 197 -23.30 30.26 5.49
CA LEU A 197 -22.42 29.62 4.53
C LEU A 197 -23.25 28.58 3.79
N SER A 198 -23.54 28.85 2.52
CA SER A 198 -24.38 27.94 1.73
C SER A 198 -23.59 26.70 1.36
N ALA A 199 -24.12 25.53 1.75
CA ALA A 199 -23.47 24.27 1.35
C ALA A 199 -23.53 24.09 -0.16
N THR A 200 -24.70 24.31 -0.77
CA THR A 200 -24.86 24.13 -2.21
C THR A 200 -23.92 25.03 -3.00
N LYS A 201 -23.83 26.31 -2.62
CA LYS A 201 -23.01 27.23 -3.40
C LYS A 201 -21.52 26.97 -3.24
N MET A 202 -21.10 26.51 -2.06
CA MET A 202 -19.72 26.12 -1.86
C MET A 202 -19.41 24.80 -2.56
N LEU A 203 -20.27 23.79 -2.34
CA LEU A 203 -20.09 22.54 -3.06
C LEU A 203 -20.07 22.75 -4.57
N SER A 204 -20.82 23.74 -5.05
CA SER A 204 -20.94 23.95 -6.49
C SER A 204 -19.60 24.28 -7.12
N LYS A 205 -18.89 25.26 -6.59
CA LYS A 205 -17.66 25.61 -7.29
C LYS A 205 -16.48 24.81 -6.78
N PHE A 206 -16.62 24.12 -5.64
CA PHE A 206 -15.81 22.94 -5.39
C PHE A 206 -15.94 21.94 -6.54
N ARG A 207 -17.18 21.54 -6.84
CA ARG A 207 -17.43 20.71 -8.02
C ARG A 207 -16.83 21.33 -9.27
N LYS A 208 -17.00 22.64 -9.46
CA LYS A 208 -16.52 23.30 -10.67
C LYS A 208 -15.00 23.17 -10.83
N ILE A 209 -14.24 23.49 -9.78
CA ILE A 209 -12.79 23.47 -9.92
C ILE A 209 -12.26 22.05 -10.10
N ILE A 210 -12.87 21.08 -9.41
CA ILE A 210 -12.45 19.69 -9.60
C ILE A 210 -12.74 19.25 -11.03
N LYS A 211 -13.95 19.52 -11.51
CA LYS A 211 -14.30 19.17 -12.89
C LYS A 211 -13.33 19.81 -13.86
N GLU A 212 -13.05 21.11 -13.67
CA GLU A 212 -12.13 21.81 -14.57
C GLU A 212 -10.71 21.28 -14.49
N GLU A 213 -10.38 20.44 -13.52
CA GLU A 213 -9.02 19.94 -13.37
C GLU A 213 -8.85 18.49 -13.80
N VAL A 214 -9.84 17.63 -13.57
CA VAL A 214 -9.75 16.29 -14.12
C VAL A 214 -9.76 16.33 -15.63
N LYS A 215 -10.26 17.41 -16.22
CA LYS A 215 -10.18 17.62 -17.66
C LYS A 215 -8.76 17.84 -18.14
N GLU A 216 -7.81 18.10 -17.23
CA GLU A 216 -6.48 18.57 -17.61
C GLU A 216 -5.41 17.48 -17.49
N ILE A 217 -5.78 16.26 -17.12
CA ILE A 217 -4.82 15.16 -17.01
C ILE A 217 -5.28 14.05 -17.95
N LYS A 218 -4.42 13.68 -18.88
CA LYS A 218 -4.61 12.55 -19.76
C LYS A 218 -3.73 11.38 -19.37
N ASP A 219 -2.92 11.55 -18.31
CA ASP A 219 -2.14 10.47 -17.74
C ASP A 219 -3.02 9.25 -17.43
N ILE A 220 -4.20 9.50 -16.85
CA ILE A 220 -5.14 8.45 -16.46
C ILE A 220 -6.49 8.78 -17.09
N ASP A 221 -7.30 7.73 -17.28
CA ASP A 221 -8.71 7.94 -17.63
C ASP A 221 -9.50 8.20 -16.35
N VAL A 222 -9.91 9.45 -16.14
CA VAL A 222 -10.68 9.86 -14.98
C VAL A 222 -11.79 10.78 -15.47
N SER A 223 -13.02 10.57 -14.98
CA SER A 223 -14.14 11.41 -15.36
C SER A 223 -15.05 11.67 -14.17
N VAL A 224 -15.99 12.61 -14.33
CA VAL A 224 -16.85 13.08 -13.25
C VAL A 224 -18.31 12.74 -13.57
N GLU A 225 -18.85 11.76 -12.85
CA GLU A 225 -20.22 11.33 -13.08
C GLU A 225 -21.20 12.47 -12.83
N LYS A 226 -22.42 12.30 -13.34
CA LYS A 226 -23.40 13.37 -13.25
C LYS A 226 -23.74 13.65 -11.80
N GLU A 227 -23.90 14.93 -11.47
CA GLU A 227 -24.14 15.31 -10.08
C GLU A 227 -25.48 14.78 -9.60
N LYS A 228 -25.48 14.24 -8.40
CA LYS A 228 -26.65 13.75 -7.70
C LYS A 228 -27.18 14.84 -6.77
N PRO A 229 -28.47 15.12 -6.74
CA PRO A 229 -28.98 16.18 -5.87
C PRO A 229 -28.87 15.81 -4.40
N GLY A 230 -28.46 16.79 -3.59
CA GLY A 230 -28.30 16.58 -2.15
C GLY A 230 -27.04 15.86 -1.75
N SER A 231 -26.43 15.07 -2.65
CA SER A 231 -25.23 14.32 -2.34
C SER A 231 -24.09 15.25 -1.95
N PRO A 232 -23.24 14.83 -1.01
CA PRO A 232 -22.10 15.67 -0.61
C PRO A 232 -20.82 15.45 -1.40
N ALA A 233 -20.83 14.58 -2.40
CA ALA A 233 -19.62 14.14 -3.08
C ALA A 233 -19.55 14.70 -4.50
N VAL A 234 -18.31 14.84 -4.99
CA VAL A 234 -18.06 14.83 -6.42
C VAL A 234 -17.31 13.54 -6.71
N THR A 235 -17.92 12.69 -7.54
CA THR A 235 -17.52 11.29 -7.64
C THR A 235 -16.65 11.13 -8.86
N LEU A 236 -15.41 10.69 -8.66
CA LEU A 236 -14.48 10.46 -9.75
C LEU A 236 -14.64 9.04 -10.26
N LEU A 237 -14.64 8.89 -11.57
CA LEU A 237 -14.66 7.58 -12.20
C LEU A 237 -13.26 7.34 -12.79
N ILE A 238 -12.52 6.42 -12.16
CA ILE A 238 -11.15 6.08 -12.54
C ILE A 238 -11.18 4.78 -13.33
N ARG A 239 -10.45 4.71 -14.42
CA ARG A 239 -10.42 3.48 -15.17
C ARG A 239 -9.07 3.31 -15.76
N ASN A 240 -8.22 2.50 -15.17
CA ASN A 240 -6.92 2.31 -15.77
C ASN A 240 -7.28 1.17 -16.66
N PRO A 241 -7.52 0.06 -16.02
CA PRO A 241 -8.02 -1.16 -16.66
C PRO A 241 -9.51 -1.21 -16.30
N GLU A 242 -9.77 -1.52 -15.03
CA GLU A 242 -11.10 -1.63 -14.44
C GLU A 242 -11.42 -0.42 -13.56
N GLU A 243 -12.72 -0.24 -13.33
CA GLU A 243 -13.27 1.01 -12.81
C GLU A 243 -13.28 1.05 -11.29
N ILE A 244 -12.81 2.16 -10.72
CA ILE A 244 -12.91 2.47 -9.30
C ILE A 244 -13.51 3.85 -9.20
N SER A 245 -14.59 3.99 -8.43
CA SER A 245 -15.20 5.29 -8.22
C SER A 245 -14.72 5.85 -6.89
N VAL A 246 -14.25 7.10 -6.90
CA VAL A 246 -13.71 7.76 -5.72
C VAL A 246 -14.58 8.99 -5.44
N ASP A 247 -15.22 9.01 -4.28
CA ASP A 247 -15.95 10.18 -3.85
C ASP A 247 -14.97 11.16 -3.19
N ILE A 248 -14.92 12.39 -3.71
CA ILE A 248 -14.21 13.49 -3.06
C ILE A 248 -15.22 14.28 -2.26
N ILE A 249 -15.07 14.31 -0.94
CA ILE A 249 -16.04 14.98 -0.07
C ILE A 249 -15.37 16.15 0.62
N LEU A 250 -15.79 17.36 0.26
CA LEU A 250 -15.40 18.56 0.98
C LEU A 250 -15.81 18.44 2.44
N ALA A 251 -14.95 18.92 3.35
CA ALA A 251 -15.24 18.86 4.79
C ALA A 251 -14.69 20.10 5.50
N LEU A 252 -15.59 20.97 5.95
CA LEU A 252 -15.19 22.03 6.87
C LEU A 252 -14.66 21.44 8.16
N GLU A 253 -13.51 21.97 8.62
CA GLU A 253 -12.93 21.58 9.89
C GLU A 253 -13.21 22.67 10.91
N SER A 254 -13.82 22.30 12.02
CA SER A 254 -14.01 23.21 13.15
C SER A 254 -13.27 22.67 14.36
N LYS A 255 -12.58 23.55 15.09
CA LYS A 255 -11.84 23.15 16.27
C LYS A 255 -12.58 23.44 17.57
N GLY A 256 -13.80 23.96 17.48
CA GLY A 256 -14.58 24.21 18.66
C GLY A 256 -15.06 22.92 19.31
N SER A 257 -15.83 23.10 20.38
CA SER A 257 -16.44 21.99 21.07
C SER A 257 -17.43 21.28 20.17
N TRP A 258 -17.55 19.98 20.37
CA TRP A 258 -18.46 19.20 19.58
C TRP A 258 -19.90 19.61 19.88
N PRO A 259 -20.80 19.50 18.91
CA PRO A 259 -22.18 19.94 19.13
C PRO A 259 -22.85 19.17 20.26
N ILE A 260 -23.80 19.85 20.91
CA ILE A 260 -24.53 19.27 22.02
C ILE A 260 -25.23 17.96 21.61
N SER A 261 -25.68 17.86 20.35
CA SER A 261 -26.29 16.62 19.89
C SER A 261 -25.40 15.40 20.10
N THR A 262 -24.09 15.60 20.24
CA THR A 262 -23.17 14.47 20.40
C THR A 262 -22.88 14.18 21.86
N LYS A 263 -23.52 14.92 22.78
CA LYS A 263 -23.15 14.86 24.19
C LYS A 263 -23.10 13.43 24.72
N GLU A 264 -24.09 12.60 24.39
CA GLU A 264 -24.05 11.23 24.85
C GLU A 264 -23.70 10.24 23.74
N GLY A 265 -23.14 10.73 22.63
CA GLY A 265 -22.62 9.85 21.60
C GLY A 265 -21.27 9.30 22.00
N LEU A 266 -20.69 8.51 21.11
CA LEU A 266 -19.39 7.87 21.35
C LEU A 266 -19.40 7.11 22.68
N PRO A 267 -20.30 6.14 22.86
CA PRO A 267 -20.42 5.47 24.17
C PRO A 267 -19.37 4.39 24.37
N ILE A 268 -18.10 4.78 24.35
CA ILE A 268 -16.99 3.83 24.37
C ILE A 268 -16.42 3.60 25.78
N GLN A 269 -17.06 4.14 26.83
CA GLN A 269 -16.38 4.24 28.14
C GLN A 269 -16.06 2.88 28.73
N GLY A 270 -16.92 1.90 28.52
CA GLY A 270 -16.61 0.56 28.97
C GLY A 270 -15.75 -0.22 28.01
N TRP A 271 -15.32 0.40 26.92
CA TRP A 271 -14.64 -0.35 25.87
C TRP A 271 -13.24 0.20 25.62
N LEU A 272 -13.11 1.34 24.94
CA LEU A 272 -11.83 2.03 24.84
C LEU A 272 -11.58 2.99 26.03
N GLY A 273 -12.60 3.35 26.78
CA GLY A 273 -12.39 3.99 28.06
C GLY A 273 -12.62 5.48 28.02
N THR A 274 -12.52 6.09 29.21
CA THR A 274 -12.85 7.50 29.39
C THR A 274 -11.72 8.44 28.98
N LYS A 275 -10.45 8.07 29.20
CA LYS A 275 -9.38 8.91 28.68
C LYS A 275 -9.39 8.93 27.14
N VAL A 276 -9.66 7.79 26.49
CA VAL A 276 -9.76 7.82 25.03
C VAL A 276 -10.91 8.73 24.60
N ARG A 277 -12.09 8.55 25.21
CA ARG A 277 -13.26 9.33 24.81
C ARG A 277 -12.99 10.82 24.93
N THR A 278 -12.42 11.22 26.06
CA THR A 278 -12.07 12.62 26.30
C THR A 278 -11.18 13.18 25.21
N ASN A 279 -10.07 12.52 24.92
CA ASN A 279 -9.18 13.14 23.96
C ASN A 279 -9.74 13.06 22.54
N LEU A 280 -10.52 12.02 22.21
CA LEU A 280 -11.14 12.00 20.89
C LEU A 280 -12.05 13.21 20.72
N ARG A 281 -12.77 13.58 21.78
CA ARG A 281 -13.71 14.67 21.70
C ARG A 281 -13.04 16.04 21.78
N ARG A 282 -11.73 16.03 21.96
CA ARG A 282 -10.94 17.21 21.98
C ARG A 282 -10.44 17.50 20.62
N GLU A 283 -10.57 16.57 19.68
CA GLU A 283 -10.17 16.79 18.29
C GLU A 283 -11.23 17.61 17.58
N PRO A 284 -10.93 18.13 16.39
CA PRO A 284 -11.96 18.82 15.60
C PRO A 284 -13.08 17.87 15.19
N PHE A 285 -14.14 18.47 14.65
CA PHE A 285 -15.20 17.73 13.98
C PHE A 285 -15.41 18.37 12.62
N TYR A 286 -16.17 17.69 11.76
CA TYR A 286 -16.25 18.06 10.35
C TYR A 286 -17.70 18.29 9.94
N LEU A 287 -17.88 19.10 8.91
CA LEU A 287 -19.17 19.35 8.29
C LEU A 287 -19.05 19.05 6.80
N VAL A 288 -19.90 18.17 6.28
CA VAL A 288 -19.92 17.89 4.84
C VAL A 288 -21.23 18.43 4.25
N PRO A 289 -21.26 18.78 2.97
CA PRO A 289 -22.46 19.38 2.38
C PRO A 289 -23.53 18.35 1.99
N LYS A 290 -23.99 17.57 2.95
CA LYS A 290 -25.17 16.72 2.78
C LYS A 290 -26.40 17.50 3.24
N ASN A 291 -27.30 17.79 2.35
CA ASN A 291 -28.48 18.50 2.71
C ASN A 291 -29.53 17.68 3.38
N ALA A 292 -30.26 18.27 4.30
CA ALA A 292 -31.28 17.54 4.99
C ALA A 292 -32.53 17.36 4.19
N LYS A 293 -33.33 16.39 4.58
CA LYS A 293 -34.55 16.08 3.86
C LYS A 293 -35.76 16.21 4.74
N ASP A 294 -36.55 17.19 4.42
CA ASP A 294 -37.74 17.50 5.15
C ASP A 294 -38.97 17.26 4.38
N GLY A 295 -40.03 17.65 5.02
CA GLY A 295 -41.37 17.57 4.44
C GLY A 295 -41.50 18.23 3.08
N ASN A 296 -40.95 19.43 2.91
CA ASN A 296 -41.14 20.07 1.61
C ASN A 296 -40.07 19.68 0.60
N SER A 297 -38.79 19.90 0.89
CA SER A 297 -37.76 19.47 -0.06
C SER A 297 -36.37 19.55 0.60
N PHE A 298 -35.35 19.31 -0.23
CA PHE A 298 -33.96 19.44 0.21
C PHE A 298 -33.67 20.87 0.66
N GLN A 299 -33.08 21.01 1.85
CA GLN A 299 -32.70 22.31 2.39
C GLN A 299 -31.30 22.65 1.89
N GLY A 300 -31.20 23.55 0.92
CA GLY A 300 -30.02 23.66 0.07
C GLY A 300 -28.74 24.04 0.79
N GLU A 301 -28.84 24.65 1.97
CA GLU A 301 -27.64 25.21 2.59
C GLU A 301 -27.26 24.54 3.90
N THR A 302 -27.94 23.47 4.31
CA THR A 302 -27.58 22.78 5.52
C THR A 302 -26.37 21.87 5.28
N TRP A 303 -25.61 21.63 6.35
CA TRP A 303 -24.48 20.70 6.33
C TRP A 303 -24.78 19.54 7.28
N ARG A 304 -23.96 18.50 7.22
CA ARG A 304 -24.10 17.35 8.12
C ARG A 304 -22.79 17.06 8.83
N LEU A 305 -22.90 16.72 10.13
CA LEU A 305 -21.73 16.32 10.90
C LEU A 305 -21.09 15.06 10.33
N SER A 306 -19.76 14.99 10.45
CA SER A 306 -19.05 13.79 10.05
C SER A 306 -17.96 13.52 11.05
N PHE A 307 -17.80 12.28 11.45
CA PHE A 307 -16.70 11.91 12.34
C PHE A 307 -15.82 10.85 11.70
N SER A 308 -15.63 10.91 10.37
CA SER A 308 -14.85 9.87 9.68
C SER A 308 -13.44 9.73 10.24
N HIS A 309 -12.84 10.84 10.70
CA HIS A 309 -11.51 10.76 11.28
C HIS A 309 -11.53 9.96 12.58
N THR A 310 -12.50 10.25 13.47
CA THR A 310 -12.67 9.48 14.70
C THR A 310 -12.98 8.02 14.42
N GLU A 311 -13.79 7.76 13.39
CA GLU A 311 -14.09 6.38 13.01
C GLU A 311 -12.83 5.62 12.59
N LYS A 312 -11.95 6.25 11.82
CA LYS A 312 -10.71 5.55 11.45
C LYS A 312 -9.92 5.18 12.70
N TYR A 313 -9.84 6.11 13.66
CA TYR A 313 -9.18 5.78 14.92
C TYR A 313 -9.80 4.53 15.55
N ILE A 314 -11.12 4.53 15.69
CA ILE A 314 -11.76 3.42 16.39
C ILE A 314 -11.50 2.11 15.67
N LEU A 315 -11.68 2.10 14.34
CA LEU A 315 -11.48 0.89 13.56
C LEU A 315 -10.10 0.29 13.79
N ASN A 316 -9.07 1.14 13.91
CA ASN A 316 -7.69 0.71 14.07
C ASN A 316 -7.25 0.55 15.51
N ASN A 317 -8.05 1.01 16.46
CA ASN A 317 -7.75 0.95 17.88
C ASN A 317 -8.99 0.43 18.59
N HIS A 318 -9.40 -0.77 18.19
CA HIS A 318 -10.73 -1.31 18.40
C HIS A 318 -10.83 -2.26 19.59
N GLY A 319 -9.72 -2.56 20.26
CA GLY A 319 -9.73 -3.55 21.32
C GLY A 319 -9.66 -2.89 22.69
N ILE A 320 -10.06 -3.64 23.72
CA ILE A 320 -9.86 -3.16 25.09
C ILE A 320 -8.41 -3.31 25.49
N GLU A 321 -7.71 -4.35 25.00
CA GLU A 321 -6.27 -4.44 25.21
C GLU A 321 -5.57 -3.58 24.16
N LYS A 322 -4.55 -2.82 24.60
CA LYS A 322 -3.82 -1.94 23.68
C LYS A 322 -3.11 -2.71 22.56
N THR A 323 -2.78 -4.00 22.76
CA THR A 323 -2.01 -4.77 21.78
C THR A 323 -2.89 -5.61 20.86
N CYS A 324 -4.21 -5.47 20.94
CA CYS A 324 -5.12 -6.25 20.12
C CYS A 324 -4.74 -6.14 18.64
N CYS A 325 -4.54 -7.30 18.01
CA CYS A 325 -4.15 -7.37 16.60
C CYS A 325 -2.80 -6.72 16.33
N GLU A 326 -1.95 -6.59 17.34
CA GLU A 326 -0.59 -6.06 17.21
C GLU A 326 0.41 -7.22 17.27
N SER A 327 1.64 -6.93 16.81
CA SER A 327 2.64 -7.99 16.65
C SER A 327 2.95 -8.71 17.96
N SER A 328 2.81 -8.03 19.10
CA SER A 328 3.10 -8.66 20.38
C SER A 328 1.85 -8.85 21.22
N GLY A 329 0.65 -8.73 20.62
CA GLY A 329 -0.59 -9.08 21.27
C GLY A 329 -1.42 -10.01 20.41
N ALA A 330 -2.67 -10.31 20.81
CA ALA A 330 -3.48 -11.35 20.18
C ALA A 330 -4.41 -10.81 19.09
N LYS A 331 -4.69 -11.65 18.10
CA LYS A 331 -5.66 -11.29 17.06
C LYS A 331 -7.08 -11.38 17.59
N CYS A 332 -7.96 -10.55 17.04
CA CYS A 332 -9.40 -10.67 17.22
C CYS A 332 -10.03 -10.75 15.81
N CYS A 333 -11.36 -10.94 15.74
CA CYS A 333 -12.02 -11.02 14.44
C CYS A 333 -13.01 -9.89 14.21
N ARG A 334 -12.85 -8.75 14.91
CA ARG A 334 -13.74 -7.62 14.70
C ARG A 334 -13.76 -7.14 13.24
N LYS A 335 -12.59 -6.89 12.65
CA LYS A 335 -12.56 -6.33 11.29
C LYS A 335 -13.02 -7.36 10.27
N GLU A 336 -12.69 -8.63 10.50
CA GLU A 336 -13.18 -9.71 9.66
C GLU A 336 -14.71 -9.75 9.67
N CYS A 337 -15.32 -9.59 10.85
CA CYS A 337 -16.79 -9.56 10.90
C CYS A 337 -17.33 -8.38 10.12
N LEU A 338 -16.72 -7.21 10.30
CA LEU A 338 -17.13 -6.05 9.52
C LEU A 338 -17.00 -6.32 8.02
N LYS A 339 -15.90 -6.97 7.61
CA LYS A 339 -15.68 -7.19 6.18
C LYS A 339 -16.66 -8.22 5.61
N LEU A 340 -16.94 -9.29 6.37
CA LEU A 340 -17.96 -10.26 5.94
C LEU A 340 -19.33 -9.58 5.80
N MET A 341 -19.69 -8.75 6.77
CA MET A 341 -21.01 -8.09 6.76
C MET A 341 -21.12 -7.11 5.60
N LYS A 342 -20.10 -6.28 5.40
CA LYS A 342 -20.10 -5.38 4.25
C LYS A 342 -20.24 -6.16 2.94
N TYR A 343 -19.61 -7.33 2.84
CA TYR A 343 -19.64 -8.05 1.57
C TYR A 343 -21.01 -8.69 1.32
N LEU A 344 -21.62 -9.20 2.39
CA LEU A 344 -23.00 -9.68 2.30
C LEU A 344 -23.93 -8.58 1.84
N LEU A 345 -23.82 -7.39 2.41
CA LEU A 345 -24.71 -6.32 2.00
C LEU A 345 -24.45 -5.93 0.55
N GLU A 346 -23.20 -5.93 0.17
CA GLU A 346 -22.83 -5.55 -1.17
C GLU A 346 -23.48 -6.48 -2.18
N GLN A 347 -23.28 -7.75 -2.00
CA GLN A 347 -23.81 -8.75 -2.92
C GLN A 347 -25.33 -8.76 -2.93
N LEU A 348 -25.97 -8.64 -1.75
CA LEU A 348 -27.43 -8.60 -1.72
C LEU A 348 -27.95 -7.40 -2.49
N LYS A 349 -27.33 -6.23 -2.26
CA LYS A 349 -27.69 -5.02 -2.99
C LYS A 349 -27.46 -5.18 -4.48
N LYS A 350 -26.44 -5.96 -4.87
CA LYS A 350 -26.16 -6.18 -6.28
C LYS A 350 -27.34 -6.84 -6.99
N GLU A 351 -28.08 -7.71 -6.31
CA GLU A 351 -29.12 -8.47 -7.00
C GLU A 351 -30.50 -7.84 -6.91
N PHE A 352 -30.81 -7.11 -5.85
CA PHE A 352 -32.16 -6.63 -5.60
C PHE A 352 -32.17 -5.12 -5.47
N GLN A 353 -32.94 -4.46 -6.34
CA GLN A 353 -33.09 -3.02 -6.29
C GLN A 353 -33.93 -2.56 -5.11
N GLU A 354 -34.63 -3.48 -4.45
CA GLU A 354 -35.35 -3.15 -3.22
C GLU A 354 -34.41 -2.73 -2.10
N LEU A 355 -33.10 -2.87 -2.29
CA LEU A 355 -32.09 -2.67 -1.26
C LEU A 355 -31.30 -1.38 -1.45
N ASP A 356 -31.75 -0.48 -2.31
CA ASP A 356 -30.98 0.73 -2.59
C ASP A 356 -30.93 1.69 -1.40
N ALA A 357 -31.80 1.57 -0.41
CA ALA A 357 -31.77 2.49 0.73
C ALA A 357 -30.64 2.21 1.71
N PHE A 358 -30.08 1.01 1.71
CA PHE A 358 -29.13 0.58 2.71
C PHE A 358 -27.72 0.78 2.20
N CYS A 359 -26.81 1.07 3.13
CA CYS A 359 -25.49 1.46 2.71
C CYS A 359 -24.45 0.97 3.70
N SER A 360 -23.19 1.11 3.27
CA SER A 360 -22.00 0.83 4.05
C SER A 360 -22.04 1.40 5.49
N TYR A 361 -22.45 2.66 5.64
CA TYR A 361 -22.38 3.28 6.97
C TYR A 361 -23.38 2.66 7.95
N HIS A 362 -24.44 2.00 7.45
CA HIS A 362 -25.36 1.27 8.31
C HIS A 362 -24.67 0.08 8.96
N VAL A 363 -23.94 -0.70 8.18
CA VAL A 363 -23.19 -1.83 8.71
C VAL A 363 -22.15 -1.38 9.71
N LYS A 364 -21.44 -0.29 9.40
CA LYS A 364 -20.40 0.21 10.27
C LYS A 364 -20.99 0.67 11.60
N THR A 365 -22.08 1.43 11.54
CA THR A 365 -22.75 1.89 12.75
C THR A 365 -23.22 0.71 13.60
N ALA A 366 -23.78 -0.32 12.96
CA ALA A 366 -24.22 -1.51 13.67
C ALA A 366 -23.06 -2.18 14.40
N ILE A 367 -21.91 -2.32 13.72
CA ILE A 367 -20.82 -3.03 14.40
C ILE A 367 -20.17 -2.17 15.48
N PHE A 368 -20.23 -0.84 15.37
CA PHE A 368 -19.82 0.03 16.46
C PHE A 368 -20.66 -0.23 17.73
N HIS A 369 -21.98 -0.24 17.61
CA HIS A 369 -22.80 -0.59 18.77
C HIS A 369 -22.48 -2.00 19.25
N MET A 370 -22.25 -2.92 18.32
CA MET A 370 -21.97 -4.30 18.68
C MET A 370 -20.65 -4.42 19.43
N TRP A 371 -19.63 -3.68 19.00
CA TRP A 371 -18.36 -3.68 19.71
C TRP A 371 -18.52 -3.00 21.07
N THR A 372 -19.46 -2.09 21.19
CA THR A 372 -19.75 -1.51 22.50
C THR A 372 -20.41 -2.55 23.42
N GLN A 373 -21.37 -3.30 22.88
CA GLN A 373 -22.11 -4.23 23.72
C GLN A 373 -21.24 -5.38 24.19
N ASP A 374 -20.29 -5.80 23.35
CA ASP A 374 -19.40 -6.91 23.63
C ASP A 374 -17.96 -6.41 23.64
N PRO A 375 -17.56 -5.69 24.70
CA PRO A 375 -16.28 -4.95 24.63
C PRO A 375 -15.04 -5.83 24.68
N GLN A 376 -15.07 -6.97 25.34
CA GLN A 376 -13.83 -7.66 25.65
C GLN A 376 -13.33 -8.44 24.45
N ASP A 377 -12.01 -8.45 24.30
CA ASP A 377 -11.38 -9.06 23.13
C ASP A 377 -11.66 -10.56 23.03
N SER A 378 -11.98 -11.23 24.14
CA SER A 378 -12.31 -12.65 24.07
C SER A 378 -13.65 -12.88 23.38
N GLN A 379 -14.60 -11.95 23.51
CA GLN A 379 -15.87 -12.02 22.79
C GLN A 379 -15.70 -11.88 21.27
N TRP A 380 -14.47 -11.74 20.77
CA TRP A 380 -14.18 -11.64 19.35
C TRP A 380 -12.93 -12.45 19.00
N ASP A 381 -12.79 -13.62 19.63
CA ASP A 381 -11.71 -14.52 19.30
C ASP A 381 -11.86 -15.02 17.86
N PRO A 382 -10.75 -15.19 17.12
CA PRO A 382 -10.87 -15.63 15.73
C PRO A 382 -11.41 -17.05 15.58
N ARG A 383 -11.37 -17.88 16.63
CA ARG A 383 -11.93 -19.21 16.52
C ARG A 383 -13.45 -19.16 16.53
N ASN A 384 -14.01 -18.21 17.29
CA ASN A 384 -15.46 -17.99 17.36
C ASN A 384 -15.95 -17.06 16.25
N LEU A 385 -15.26 -17.06 15.10
CA LEU A 385 -15.64 -16.20 13.99
C LEU A 385 -17.11 -16.38 13.59
N SER A 386 -17.56 -17.61 13.47
CA SER A 386 -18.91 -17.84 12.95
C SER A 386 -19.97 -17.41 13.95
N SER A 387 -19.72 -17.64 15.24
CA SER A 387 -20.66 -17.15 16.23
C SER A 387 -20.64 -15.63 16.31
N CYS A 388 -19.44 -15.03 16.20
CA CYS A 388 -19.35 -13.57 16.19
C CYS A 388 -20.13 -12.99 15.02
N PHE A 389 -19.92 -13.55 13.82
CA PHE A 389 -20.64 -13.06 12.65
C PHE A 389 -22.14 -13.21 12.85
N ASP A 390 -22.57 -14.38 13.34
CA ASP A 390 -24.00 -14.60 13.52
C ASP A 390 -24.59 -13.68 14.57
N LYS A 391 -23.81 -13.35 15.61
CA LYS A 391 -24.27 -12.37 16.59
C LYS A 391 -24.45 -10.99 15.95
N LEU A 392 -23.59 -10.63 15.01
CA LEU A 392 -23.76 -9.34 14.34
C LEU A 392 -24.95 -9.36 13.42
N LEU A 393 -25.13 -10.46 12.68
CA LEU A 393 -26.32 -10.59 11.86
C LEU A 393 -27.58 -10.51 12.71
N ALA A 394 -27.59 -11.20 13.84
CA ALA A 394 -28.76 -11.11 14.71
C ALA A 394 -28.98 -9.67 15.18
N PHE A 395 -27.90 -8.97 15.56
CA PHE A 395 -28.08 -7.61 16.03
C PHE A 395 -28.60 -6.69 14.93
N PHE A 396 -28.07 -6.83 13.72
CA PHE A 396 -28.52 -6.03 12.60
C PHE A 396 -29.98 -6.30 12.28
N LEU A 397 -30.37 -7.58 12.29
CA LEU A 397 -31.78 -7.92 12.10
C LEU A 397 -32.67 -7.25 13.13
N GLU A 398 -32.26 -7.29 14.39
CA GLU A 398 -33.01 -6.57 15.42
C GLU A 398 -33.09 -5.08 15.11
N CYS A 399 -31.99 -4.49 14.59
CA CYS A 399 -32.04 -3.09 14.17
C CYS A 399 -33.05 -2.90 13.03
N LEU A 400 -33.07 -3.81 12.06
CA LEU A 400 -34.00 -3.65 10.94
C LEU A 400 -35.44 -3.70 11.40
N ARG A 401 -35.82 -4.72 12.13
CA ARG A 401 -37.20 -4.86 12.53
C ARG A 401 -37.70 -3.84 13.47
N THR A 402 -36.87 -3.40 14.35
CA THR A 402 -37.29 -2.36 15.28
C THR A 402 -37.18 -0.96 14.70
N GLU A 403 -36.63 -0.82 13.49
CA GLU A 403 -36.40 0.47 12.87
C GLU A 403 -35.63 1.41 13.79
N LYS A 404 -34.58 0.87 14.40
CA LYS A 404 -33.73 1.67 15.29
C LYS A 404 -32.28 1.34 15.00
N LEU A 405 -31.53 2.37 14.55
CA LEU A 405 -30.07 2.29 14.40
C LEU A 405 -29.54 3.71 14.65
N ASP A 406 -29.27 4.01 15.92
CA ASP A 406 -28.81 5.34 16.29
C ASP A 406 -27.43 5.60 15.71
N HIS A 407 -27.26 6.79 15.14
CA HIS A 407 -25.92 7.29 14.86
C HIS A 407 -25.05 7.12 16.08
N TYR A 408 -23.85 6.54 15.88
CA TYR A 408 -22.96 6.24 16.99
C TYR A 408 -22.46 7.49 17.70
N PHE A 409 -22.44 8.63 17.02
CA PHE A 409 -21.98 9.89 17.60
C PHE A 409 -23.14 10.81 17.99
N ILE A 410 -24.31 10.61 17.40
CA ILE A 410 -25.45 11.53 17.49
C ILE A 410 -26.67 10.69 17.86
N PRO A 411 -26.87 10.38 19.14
CA PRO A 411 -27.83 9.32 19.50
C PRO A 411 -29.26 9.61 19.09
N LYS A 412 -29.67 10.87 18.89
CA LYS A 412 -31.04 11.16 18.50
C LYS A 412 -31.25 11.11 16.99
N PHE A 413 -30.20 10.82 16.22
CA PHE A 413 -30.30 10.65 14.78
C PHE A 413 -30.43 9.15 14.52
N ASN A 414 -31.61 8.72 14.06
CA ASN A 414 -31.94 7.31 13.86
C ASN A 414 -31.84 6.99 12.37
N LEU A 415 -30.78 6.28 11.99
CA LEU A 415 -30.54 6.02 10.57
C LEU A 415 -31.57 5.07 10.00
N PHE A 416 -32.22 4.27 10.86
CA PHE A 416 -33.25 3.33 10.46
C PHE A 416 -34.64 3.82 10.81
N SER A 417 -34.80 5.14 10.90
CA SER A 417 -36.10 5.67 11.21
C SER A 417 -37.08 5.40 10.06
N GLN A 418 -38.36 5.51 10.40
CA GLN A 418 -39.44 5.48 9.42
C GLN A 418 -39.19 6.44 8.26
N GLU A 419 -38.72 7.64 8.57
CA GLU A 419 -38.63 8.74 7.61
C GLU A 419 -37.54 8.53 6.58
N LEU A 420 -36.57 7.67 6.85
CA LEU A 420 -35.44 7.51 5.95
C LEU A 420 -35.50 6.23 5.13
N ILE A 421 -36.08 5.18 5.70
CA ILE A 421 -36.15 3.89 5.03
C ILE A 421 -37.52 3.29 5.35
N ASP A 422 -38.32 3.00 4.31
CA ASP A 422 -39.65 2.46 4.57
C ASP A 422 -39.58 0.99 5.00
N ARG A 423 -40.64 0.53 5.62
CA ARG A 423 -40.76 -0.77 6.15
C ARG A 423 -40.58 -1.88 5.17
N LYS A 424 -41.13 -1.69 4.00
CA LYS A 424 -40.98 -2.63 2.90
C LYS A 424 -39.51 -2.95 2.69
N SER A 425 -38.67 -1.92 2.80
CA SER A 425 -37.26 -2.13 2.54
C SER A 425 -36.61 -2.95 3.64
N LYS A 426 -37.00 -2.70 4.88
CA LYS A 426 -36.41 -3.42 6.00
C LYS A 426 -36.86 -4.87 6.02
N GLU A 427 -38.16 -5.12 5.83
CA GLU A 427 -38.64 -6.51 5.74
C GLU A 427 -37.98 -7.25 4.58
N PHE A 428 -37.85 -6.60 3.43
CA PHE A 428 -37.11 -7.22 2.33
C PHE A 428 -35.71 -7.64 2.79
N LEU A 429 -34.91 -6.68 3.25
CA LEU A 429 -33.55 -6.99 3.69
C LEU A 429 -33.55 -8.09 4.76
N SER A 430 -34.41 -7.95 5.78
CA SER A 430 -34.48 -8.96 6.83
C SER A 430 -34.71 -10.36 6.26
N LYS A 431 -35.64 -10.49 5.32
CA LYS A 431 -35.92 -11.81 4.76
C LYS A 431 -34.72 -12.34 3.98
N LYS A 432 -34.01 -11.48 3.24
CA LYS A 432 -32.83 -11.95 2.53
C LYS A 432 -31.76 -12.41 3.52
N ILE A 433 -31.58 -11.66 4.61
CA ILE A 433 -30.56 -12.01 5.60
C ILE A 433 -30.92 -13.30 6.32
N GLU A 434 -32.18 -13.44 6.75
CA GLU A 434 -32.61 -14.71 7.35
C GLU A 434 -32.43 -15.86 6.38
N TYR A 435 -32.82 -15.67 5.12
CA TYR A 435 -32.62 -16.72 4.11
C TYR A 435 -31.16 -17.14 4.03
N GLU A 436 -30.24 -16.19 3.82
CA GLU A 436 -28.82 -16.55 3.69
C GLU A 436 -28.29 -17.16 4.98
N ARG A 437 -28.83 -16.73 6.11
CA ARG A 437 -28.34 -17.16 7.42
C ARG A 437 -28.71 -18.61 7.70
N ASN A 438 -29.93 -18.99 7.37
CA ASN A 438 -30.42 -20.34 7.64
C ASN A 438 -29.92 -21.36 6.60
N ASN A 439 -29.58 -20.90 5.40
CA ASN A 439 -29.15 -21.79 4.33
C ASN A 439 -27.64 -21.74 4.13
N GLY A 440 -26.89 -21.35 5.15
CA GLY A 440 -25.44 -21.29 5.04
C GLY A 440 -24.90 -20.34 3.99
N PHE A 441 -25.52 -19.17 3.83
CA PHE A 441 -25.04 -18.14 2.90
C PHE A 441 -24.78 -18.68 1.49
N PRO A 442 -25.82 -19.11 0.76
CA PRO A 442 -25.60 -19.51 -0.64
C PRO A 442 -25.09 -18.37 -1.50
N ILE A 443 -25.41 -17.13 -1.16
CA ILE A 443 -24.90 -15.99 -1.92
C ILE A 443 -23.39 -16.04 -2.06
N PHE A 444 -22.70 -16.80 -1.20
CA PHE A 444 -21.25 -16.76 -1.05
C PHE A 444 -20.45 -17.73 -1.94
N ASP A 445 -21.09 -18.36 -2.93
CA ASP A 445 -20.50 -19.49 -3.62
C ASP A 445 -19.61 -19.03 -4.77
N LYS A 446 -18.35 -19.45 -4.74
CA LYS A 446 -17.32 -19.01 -5.69
C LYS A 446 -16.62 -20.19 -6.33
N LEU A 447 -15.79 -20.87 -5.54
CA LEU A 447 -14.93 -21.95 -6.00
C LEU A 447 -13.90 -21.42 -7.00
N GLU B 86 7.06 -29.67 13.99
CA GLU B 86 6.77 -28.27 13.64
C GLU B 86 6.13 -28.09 12.26
N PRO B 87 5.08 -28.86 11.94
CA PRO B 87 4.47 -28.70 10.60
C PRO B 87 3.84 -27.35 10.41
N ASP B 88 3.43 -26.68 11.49
CA ASP B 88 2.82 -25.37 11.41
C ASP B 88 3.59 -24.29 12.16
N LYS B 89 4.74 -24.62 12.75
CA LYS B 89 5.56 -23.59 13.39
C LYS B 89 6.03 -22.55 12.38
N LEU B 90 6.26 -22.95 11.13
CA LEU B 90 6.71 -21.97 10.15
C LEU B 90 5.58 -21.01 9.79
N LYS B 91 4.34 -21.46 9.84
CA LYS B 91 3.22 -20.55 9.62
C LYS B 91 3.14 -19.52 10.73
N LYS B 92 3.43 -19.94 11.97
CA LYS B 92 3.44 -18.99 13.09
C LYS B 92 4.48 -17.90 12.87
N VAL B 93 5.65 -18.28 12.36
CA VAL B 93 6.65 -17.28 12.02
C VAL B 93 6.10 -16.34 10.96
N LEU B 94 5.56 -16.92 9.88
CA LEU B 94 5.03 -16.13 8.77
C LEU B 94 3.97 -15.16 9.25
N ASP B 95 3.03 -15.65 10.06
CA ASP B 95 1.96 -14.79 10.52
C ASP B 95 2.48 -13.66 11.38
N LYS B 96 3.43 -13.95 12.28
CA LYS B 96 4.01 -12.85 13.06
C LYS B 96 4.77 -11.88 12.17
N LEU B 97 5.39 -12.39 11.09
CA LEU B 97 6.09 -11.48 10.19
C LEU B 97 5.11 -10.59 9.45
N ARG B 98 3.98 -11.16 9.00
CA ARG B 98 2.97 -10.41 8.26
C ARG B 98 2.64 -9.08 8.94
N LEU B 99 2.98 -7.98 8.29
CA LEU B 99 3.04 -6.68 8.94
C LEU B 99 1.72 -5.93 8.83
N LYS B 100 1.61 -4.89 9.67
CA LYS B 100 0.47 -3.99 9.67
C LYS B 100 0.24 -3.44 8.27
N ARG B 101 -0.89 -3.78 7.65
CA ARG B 101 -1.30 -3.20 6.38
C ARG B 101 -1.43 -1.68 6.46
N LYS B 102 -1.51 -1.13 7.68
CA LYS B 102 -1.45 0.30 7.91
C LYS B 102 -0.01 0.77 8.09
N ASP B 103 0.90 -0.13 8.49
CA ASP B 103 2.34 0.17 8.47
C ASP B 103 2.85 0.17 7.03
N ILE B 104 2.39 -0.78 6.22
CA ILE B 104 2.77 -0.80 4.82
C ILE B 104 2.33 0.50 4.15
N SER B 105 1.03 0.83 4.26
CA SER B 105 0.48 1.96 3.53
C SER B 105 1.18 3.26 3.90
N GLU B 106 1.22 3.59 5.19
CA GLU B 106 1.80 4.87 5.59
C GLU B 106 3.28 4.96 5.24
N ALA B 107 4.03 3.86 5.38
CA ALA B 107 5.43 3.87 5.00
C ALA B 107 5.58 3.88 3.48
N ALA B 108 4.82 3.05 2.77
CA ALA B 108 4.87 3.07 1.32
C ALA B 108 4.42 4.42 0.78
N GLU B 109 3.47 5.08 1.45
CA GLU B 109 3.00 6.37 1.00
C GLU B 109 4.05 7.46 1.20
N THR B 110 4.85 7.38 2.28
CA THR B 110 5.84 8.42 2.49
C THR B 110 7.11 8.16 1.69
N VAL B 111 7.55 6.90 1.60
CA VAL B 111 8.62 6.59 0.66
C VAL B 111 8.21 7.00 -0.74
N ASN B 112 6.98 6.67 -1.14
CA ASN B 112 6.47 7.09 -2.43
C ASN B 112 6.55 8.61 -2.61
N LYS B 113 5.99 9.36 -1.65
CA LYS B 113 5.98 10.81 -1.80
C LYS B 113 7.39 11.36 -1.96
N VAL B 114 8.33 10.89 -1.13
CA VAL B 114 9.71 11.36 -1.24
C VAL B 114 10.27 11.01 -2.61
N VAL B 115 10.07 9.77 -3.04
CA VAL B 115 10.56 9.34 -4.34
C VAL B 115 9.87 10.11 -5.45
N GLU B 116 8.53 10.10 -5.46
CA GLU B 116 7.78 10.71 -6.54
C GLU B 116 8.05 12.21 -6.65
N ARG B 117 8.34 12.88 -5.52
CA ARG B 117 8.71 14.29 -5.63
C ARG B 117 10.17 14.48 -6.00
N LEU B 118 11.07 13.70 -5.40
CA LEU B 118 12.48 13.78 -5.76
C LEU B 118 12.68 13.42 -7.22
N LEU B 119 11.89 12.46 -7.72
CA LEU B 119 11.84 12.18 -9.15
C LEU B 119 11.33 13.40 -9.91
N ARG B 120 10.14 13.88 -9.55
CA ARG B 120 9.54 15.01 -10.24
C ARG B 120 10.48 16.21 -10.24
N ARG B 121 11.17 16.44 -9.13
CA ARG B 121 12.08 17.56 -9.04
C ARG B 121 13.39 17.33 -9.79
N MET B 122 13.70 16.09 -10.17
CA MET B 122 14.85 15.86 -11.04
C MET B 122 14.53 16.14 -12.50
N GLN B 123 13.31 15.86 -12.95
CA GLN B 123 12.94 16.07 -14.35
C GLN B 123 12.73 17.53 -14.70
N LYS B 124 12.84 18.45 -13.75
CA LYS B 124 12.62 19.88 -13.99
C LYS B 124 13.80 20.67 -13.42
N ARG B 125 14.99 20.37 -13.90
CA ARG B 125 16.17 20.99 -13.33
C ARG B 125 17.30 21.21 -14.34
N GLU B 126 17.09 20.88 -15.61
CA GLU B 126 18.12 20.99 -16.66
C GLU B 126 19.47 20.49 -16.17
N SER B 127 19.45 19.30 -15.58
CA SER B 127 20.64 18.50 -15.39
C SER B 127 20.77 17.56 -16.58
N GLU B 128 21.73 16.65 -16.51
CA GLU B 128 21.91 15.61 -17.51
C GLU B 128 20.94 14.45 -17.33
N PHE B 129 20.29 14.36 -16.17
CA PHE B 129 19.39 13.27 -15.84
C PHE B 129 17.95 13.59 -16.15
N LYS B 130 17.77 14.67 -16.92
CA LYS B 130 16.46 15.23 -17.25
C LYS B 130 15.36 14.24 -17.62
N GLY B 131 15.69 13.30 -18.49
CA GLY B 131 14.72 12.34 -18.96
C GLY B 131 14.59 11.11 -18.07
N VAL B 132 14.90 11.24 -16.78
CA VAL B 132 14.91 10.09 -15.90
C VAL B 132 13.49 9.64 -15.57
N GLU B 133 13.35 8.34 -15.28
CA GLU B 133 12.07 7.71 -14.98
C GLU B 133 12.28 6.65 -13.91
N GLN B 134 11.23 6.36 -13.14
CA GLN B 134 11.33 5.25 -12.21
C GLN B 134 11.19 3.95 -12.99
N LEU B 135 12.05 2.98 -12.67
CA LEU B 135 11.92 1.64 -13.21
C LEU B 135 10.96 0.83 -12.35
N ASN B 136 10.08 0.09 -12.99
CA ASN B 136 9.07 -0.70 -12.29
C ASN B 136 9.71 -1.95 -11.70
N THR B 137 10.15 -1.88 -10.44
CA THR B 137 10.73 -3.03 -9.75
C THR B 137 9.90 -3.49 -8.55
N GLY B 138 8.65 -3.06 -8.43
CA GLY B 138 7.81 -3.44 -7.31
C GLY B 138 7.73 -2.37 -6.23
N SER B 139 6.58 -2.32 -5.54
CA SER B 139 6.37 -1.32 -4.51
C SER B 139 6.89 -1.78 -3.16
N TYR B 140 7.07 -0.81 -2.27
CA TYR B 140 7.23 -1.13 -0.86
C TYR B 140 6.15 -2.12 -0.41
N TYR B 141 4.94 -2.00 -0.96
CA TYR B 141 3.84 -2.91 -0.61
C TYR B 141 4.23 -4.37 -0.84
N GLU B 142 4.64 -4.74 -2.07
CA GLU B 142 5.04 -6.13 -2.28
C GLU B 142 6.42 -6.41 -1.70
N HIS B 143 7.29 -5.38 -1.60
CA HIS B 143 8.63 -5.60 -1.06
C HIS B 143 8.57 -6.28 0.32
N VAL B 144 7.71 -5.79 1.22
CA VAL B 144 7.72 -6.28 2.60
C VAL B 144 7.31 -7.75 2.67
N LYS B 145 6.60 -8.27 1.67
CA LYS B 145 6.19 -9.66 1.73
C LYS B 145 7.34 -10.64 1.48
N ILE B 146 8.51 -10.18 1.02
CA ILE B 146 9.60 -11.11 0.75
C ILE B 146 10.92 -10.59 1.31
N SER B 147 10.89 -9.41 1.93
CA SER B 147 12.12 -8.82 2.45
C SER B 147 11.85 -7.97 3.68
N ALA B 148 12.94 -7.54 4.31
CA ALA B 148 12.85 -6.82 5.56
C ALA B 148 12.30 -5.41 5.32
N PRO B 149 11.34 -4.97 6.14
CA PRO B 149 10.71 -3.67 5.89
C PRO B 149 11.64 -2.47 6.09
N ASN B 150 12.70 -2.61 6.87
CA ASN B 150 13.53 -1.47 7.22
C ASN B 150 14.44 -1.00 6.08
N GLU B 151 14.51 -1.71 4.96
CA GLU B 151 15.44 -1.39 3.87
C GLU B 151 14.78 -1.62 2.52
N PHE B 152 14.74 -0.57 1.69
CA PHE B 152 14.07 -0.57 0.40
C PHE B 152 15.04 -0.07 -0.66
N ASP B 153 14.64 -0.21 -1.93
CA ASP B 153 15.42 0.33 -3.03
C ASP B 153 14.51 0.68 -4.21
N VAL B 154 14.86 1.74 -4.91
CA VAL B 154 14.12 2.23 -6.07
C VAL B 154 15.14 2.57 -7.16
N MET B 155 14.82 2.25 -8.41
CA MET B 155 15.77 2.44 -9.50
C MET B 155 15.27 3.52 -10.44
N PHE B 156 16.10 4.53 -10.68
CA PHE B 156 15.80 5.61 -11.61
C PHE B 156 16.52 5.28 -12.91
N LYS B 157 15.75 4.89 -13.93
CA LYS B 157 16.32 4.50 -15.20
C LYS B 157 16.47 5.73 -16.07
N LEU B 158 17.54 5.73 -16.89
CA LEU B 158 17.79 6.77 -17.90
C LEU B 158 18.17 6.08 -19.20
N GLU B 159 17.45 6.39 -20.27
CA GLU B 159 17.82 5.82 -21.55
C GLU B 159 18.93 6.64 -22.17
N VAL B 160 19.91 5.95 -22.72
CA VAL B 160 21.10 6.60 -23.23
C VAL B 160 21.27 6.22 -24.70
N PRO B 161 21.95 7.07 -25.53
CA PRO B 161 22.23 6.70 -26.93
C PRO B 161 22.84 5.32 -27.05
N ARG B 162 22.84 4.72 -28.23
CA ARG B 162 23.36 3.38 -28.36
C ARG B 162 24.80 3.33 -27.84
N ILE B 163 25.13 2.23 -27.16
CA ILE B 163 26.37 2.10 -26.41
C ILE B 163 26.98 0.77 -26.74
N GLU B 164 28.26 0.66 -26.56
CA GLU B 164 28.93 -0.60 -26.78
C GLU B 164 29.55 -1.00 -25.48
N LEU B 165 29.36 -2.25 -25.11
CA LEU B 165 29.77 -2.80 -23.83
C LEU B 165 31.07 -3.57 -24.01
N GLN B 166 32.05 -3.27 -23.18
CA GLN B 166 33.32 -3.98 -23.20
C GLN B 166 33.44 -4.73 -21.88
N GLU B 167 33.42 -6.05 -21.96
CA GLU B 167 33.46 -6.89 -20.77
C GLU B 167 34.71 -6.61 -19.98
N TYR B 168 34.52 -6.27 -18.72
CA TYR B 168 35.61 -5.92 -17.82
C TYR B 168 36.03 -7.18 -17.08
N TYR B 169 37.06 -7.85 -17.57
CA TYR B 169 37.65 -9.00 -16.87
C TYR B 169 36.63 -10.14 -16.81
N GLU B 170 36.66 -10.92 -15.73
CA GLU B 170 36.21 -12.30 -15.72
C GLU B 170 34.88 -12.57 -14.98
N THR B 171 33.87 -11.74 -15.17
CA THR B 171 32.56 -12.09 -14.60
C THR B 171 31.42 -12.05 -15.59
N GLY B 172 31.54 -11.36 -16.70
CA GLY B 172 30.41 -11.16 -17.57
C GLY B 172 29.32 -10.28 -16.97
N ALA B 173 29.54 -9.77 -15.76
CA ALA B 173 28.60 -8.85 -15.10
C ALA B 173 29.07 -7.41 -15.09
N PHE B 174 30.39 -7.16 -15.17
CA PHE B 174 30.98 -5.84 -15.02
C PHE B 174 31.51 -5.32 -16.36
N TYR B 175 31.22 -4.06 -16.65
CA TYR B 175 31.48 -3.51 -17.97
C TYR B 175 32.05 -2.10 -17.90
N LEU B 176 32.86 -1.77 -18.89
CA LEU B 176 33.06 -0.39 -19.26
C LEU B 176 32.14 -0.09 -20.43
N VAL B 177 31.67 1.16 -20.49
CA VAL B 177 30.63 1.56 -21.42
C VAL B 177 31.14 2.72 -22.25
N LYS B 178 31.01 2.60 -23.57
CA LYS B 178 31.26 3.70 -24.50
C LYS B 178 30.01 3.97 -25.31
N PHE B 179 29.90 5.18 -25.84
CA PHE B 179 28.87 5.46 -26.84
C PHE B 179 29.37 5.03 -28.21
N LYS B 180 28.49 4.34 -28.96
CA LYS B 180 28.78 4.06 -30.35
C LYS B 180 29.04 5.34 -31.14
N ARG B 181 28.34 6.43 -30.78
CA ARG B 181 28.64 7.75 -31.30
C ARG B 181 27.91 8.82 -30.51
N ILE B 182 28.68 9.77 -29.98
CA ILE B 182 28.24 10.80 -29.03
C ILE B 182 27.41 11.87 -29.73
N PRO B 183 26.08 11.83 -29.64
CA PRO B 183 25.27 12.85 -30.31
C PRO B 183 25.64 14.25 -29.84
N ARG B 184 25.69 15.17 -30.80
CA ARG B 184 26.13 16.54 -30.51
C ARG B 184 25.17 17.21 -29.53
N GLY B 185 25.74 17.91 -28.55
CA GLY B 185 24.96 18.55 -27.52
C GLY B 185 24.41 17.61 -26.46
N ASN B 186 24.57 16.30 -26.63
CA ASN B 186 24.14 15.39 -25.58
C ASN B 186 24.94 15.68 -24.30
N PRO B 187 24.29 16.07 -23.20
CA PRO B 187 25.04 16.47 -22.02
C PRO B 187 25.67 15.32 -21.25
N LEU B 188 25.38 14.06 -21.62
CA LEU B 188 26.02 12.95 -20.94
C LEU B 188 27.51 12.86 -21.26
N SER B 189 27.96 13.51 -22.33
CA SER B 189 29.39 13.60 -22.57
C SER B 189 30.12 14.25 -21.40
N HIS B 190 29.43 15.09 -20.60
CA HIS B 190 30.00 15.62 -19.38
C HIS B 190 30.70 14.56 -18.54
N PHE B 191 30.23 13.32 -18.61
CA PHE B 191 30.65 12.29 -17.67
C PHE B 191 31.72 11.38 -18.24
N LEU B 192 32.24 11.67 -19.43
CA LEU B 192 33.21 10.76 -19.99
C LEU B 192 34.54 10.89 -19.28
N GLU B 193 35.26 9.78 -19.23
CA GLU B 193 36.64 9.71 -18.75
C GLU B 193 37.39 9.04 -19.89
N GLY B 194 37.97 9.84 -20.77
CA GLY B 194 38.46 9.33 -22.04
C GLY B 194 37.28 8.95 -22.90
N GLU B 195 37.21 7.70 -23.33
CA GLU B 195 36.10 7.27 -24.15
C GLU B 195 34.97 6.63 -23.36
N VAL B 196 35.20 6.25 -22.10
CA VAL B 196 34.23 5.44 -21.38
C VAL B 196 33.37 6.34 -20.51
N LEU B 197 32.10 5.97 -20.40
CA LEU B 197 31.17 6.68 -19.54
C LEU B 197 31.51 6.35 -18.09
N SER B 198 31.88 7.36 -17.32
CA SER B 198 32.36 7.12 -15.95
C SER B 198 31.20 6.99 -15.00
N ALA B 199 31.03 5.80 -14.43
CA ALA B 199 30.03 5.59 -13.39
C ALA B 199 30.24 6.53 -12.22
N THR B 200 31.51 6.81 -11.87
CA THR B 200 31.80 7.70 -10.76
C THR B 200 31.36 9.13 -11.04
N LYS B 201 31.84 9.72 -12.13
CA LYS B 201 31.41 11.07 -12.48
C LYS B 201 29.89 11.16 -12.56
N MET B 202 29.26 10.20 -13.23
CA MET B 202 27.81 10.26 -13.37
C MET B 202 27.10 10.10 -12.02
N LEU B 203 27.53 9.13 -11.22
CA LEU B 203 26.87 8.95 -9.93
C LEU B 203 27.12 10.13 -9.01
N SER B 204 28.30 10.76 -9.11
CA SER B 204 28.60 11.90 -8.24
C SER B 204 27.65 13.06 -8.49
N LYS B 205 27.38 13.40 -9.76
CA LYS B 205 26.42 14.47 -10.00
C LYS B 205 25.01 14.04 -9.59
N PHE B 206 24.63 12.80 -9.91
CA PHE B 206 23.35 12.24 -9.48
C PHE B 206 23.19 12.44 -7.98
N ARG B 207 24.21 12.03 -7.21
CA ARG B 207 24.21 12.26 -5.78
C ARG B 207 24.07 13.74 -5.46
N LYS B 208 24.76 14.59 -6.22
CA LYS B 208 24.70 16.03 -5.97
C LYS B 208 23.27 16.56 -6.10
N ILE B 209 22.58 16.24 -7.19
CA ILE B 209 21.22 16.74 -7.35
C ILE B 209 20.31 16.17 -6.28
N ILE B 210 20.41 14.87 -6.01
CA ILE B 210 19.60 14.27 -4.96
C ILE B 210 19.87 14.97 -3.62
N LYS B 211 21.14 15.12 -3.26
CA LYS B 211 21.46 15.76 -1.99
C LYS B 211 20.86 17.15 -1.94
N GLU B 212 20.86 17.84 -3.08
CA GLU B 212 20.40 19.22 -3.21
C GLU B 212 18.89 19.39 -3.13
N GLU B 213 18.12 18.32 -3.19
CA GLU B 213 16.68 18.43 -3.09
C GLU B 213 16.12 17.77 -1.85
N VAL B 214 16.79 16.75 -1.32
CA VAL B 214 16.46 16.28 0.01
C VAL B 214 16.60 17.43 1.01
N LYS B 215 17.49 18.38 0.73
CA LYS B 215 17.69 19.51 1.63
C LYS B 215 16.52 20.49 1.59
N GLU B 216 15.82 20.59 0.46
CA GLU B 216 14.65 21.46 0.44
C GLU B 216 13.40 20.75 0.94
N ILE B 217 13.42 19.41 0.96
CA ILE B 217 12.35 18.62 1.56
C ILE B 217 12.30 18.91 3.05
N LYS B 218 11.22 19.53 3.51
CA LYS B 218 10.95 19.69 4.93
C LYS B 218 9.58 19.14 5.32
N ASP B 219 8.78 18.69 4.35
CA ASP B 219 7.52 18.01 4.64
C ASP B 219 7.76 16.69 5.36
N ILE B 220 8.96 16.12 5.23
CA ILE B 220 9.31 14.82 5.79
C ILE B 220 10.72 14.91 6.35
N ASP B 221 11.00 14.12 7.38
CA ASP B 221 12.36 14.04 7.91
C ASP B 221 13.16 13.05 7.08
N VAL B 222 13.94 13.57 6.12
CA VAL B 222 14.73 12.70 5.25
C VAL B 222 16.12 13.31 5.10
N SER B 223 17.14 12.47 5.25
CA SER B 223 18.53 12.85 5.03
C SER B 223 19.19 11.85 4.08
N VAL B 224 20.30 12.29 3.51
CA VAL B 224 21.14 11.44 2.67
C VAL B 224 22.28 10.90 3.54
N GLU B 225 22.30 9.58 3.74
CA GLU B 225 23.37 8.93 4.48
C GLU B 225 24.70 9.14 3.76
N LYS B 226 25.80 9.00 4.50
CA LYS B 226 27.08 9.28 3.88
C LYS B 226 27.44 8.21 2.84
N GLU B 227 28.38 8.58 1.98
CA GLU B 227 28.80 7.79 0.83
C GLU B 227 29.64 6.60 1.27
N LYS B 228 29.20 5.38 0.91
CA LYS B 228 30.06 4.21 1.01
C LYS B 228 30.70 3.92 -0.33
N PRO B 229 32.04 3.92 -0.43
CA PRO B 229 32.69 3.95 -1.75
C PRO B 229 32.42 2.71 -2.58
N GLY B 230 32.33 2.93 -3.90
CA GLY B 230 32.01 1.89 -4.85
C GLY B 230 30.54 1.57 -4.97
N SER B 231 29.73 1.93 -3.96
CA SER B 231 28.32 1.58 -3.93
C SER B 231 27.56 2.32 -5.03
N PRO B 232 26.62 1.65 -5.71
CA PRO B 232 25.81 2.33 -6.73
C PRO B 232 24.70 3.21 -6.17
N ALA B 233 24.40 3.12 -4.87
CA ALA B 233 23.20 3.76 -4.33
C ALA B 233 23.48 5.17 -3.81
N VAL B 234 22.44 6.00 -3.83
CA VAL B 234 22.32 7.18 -3.01
C VAL B 234 21.25 6.84 -1.98
N THR B 235 21.67 6.64 -0.73
CA THR B 235 20.79 6.02 0.26
C THR B 235 20.11 7.11 1.08
N LEU B 236 18.79 7.19 0.99
CA LEU B 236 18.03 8.10 1.83
C LEU B 236 17.68 7.43 3.15
N LEU B 237 17.70 8.22 4.22
CA LEU B 237 17.32 7.76 5.56
C LEU B 237 16.07 8.55 5.94
N ILE B 238 14.91 7.88 5.87
CA ILE B 238 13.63 8.48 6.21
C ILE B 238 13.31 8.05 7.63
N ARG B 239 13.12 9.02 8.52
CA ARG B 239 12.81 8.76 9.93
C ARG B 239 11.60 9.56 10.36
N ASN B 240 10.51 9.47 9.60
CA ASN B 240 9.29 10.18 10.01
C ASN B 240 8.87 9.76 11.41
N PRO B 241 8.68 8.46 11.72
CA PRO B 241 8.91 8.01 13.09
C PRO B 241 10.26 7.31 13.16
N GLU B 242 10.31 6.01 12.84
CA GLU B 242 11.57 5.30 12.86
C GLU B 242 12.21 5.26 11.47
N GLU B 243 13.34 4.55 11.38
CA GLU B 243 14.26 4.69 10.25
C GLU B 243 13.99 3.69 9.15
N ILE B 244 13.83 4.17 7.93
CA ILE B 244 13.80 3.33 6.73
C ILE B 244 14.84 3.87 5.75
N SER B 245 15.83 3.04 5.42
CA SER B 245 16.81 3.41 4.41
C SER B 245 16.29 3.04 3.03
N VAL B 246 16.33 4.00 2.11
CA VAL B 246 15.83 3.83 0.75
C VAL B 246 17.01 4.08 -0.21
N ASP B 247 17.50 3.01 -0.84
CA ASP B 247 18.55 3.16 -1.85
C ASP B 247 17.93 3.67 -3.14
N ILE B 248 18.42 4.82 -3.62
CA ILE B 248 18.09 5.32 -4.95
C ILE B 248 19.24 4.92 -5.85
N ILE B 249 18.94 4.12 -6.87
CA ILE B 249 19.96 3.51 -7.72
C ILE B 249 19.77 4.02 -9.14
N LEU B 250 20.79 4.70 -9.65
CA LEU B 250 20.78 5.13 -11.03
C LEU B 250 20.96 3.92 -11.93
N ALA B 251 20.20 3.88 -13.02
CA ALA B 251 20.27 2.73 -13.92
C ALA B 251 20.28 3.23 -15.37
N LEU B 252 21.35 2.93 -16.10
CA LEU B 252 21.33 3.11 -17.54
C LEU B 252 20.48 2.02 -18.15
N GLU B 253 19.58 2.42 -19.06
CA GLU B 253 18.72 1.49 -19.79
C GLU B 253 19.23 1.35 -21.21
N SER B 254 19.42 0.10 -21.64
CA SER B 254 19.80 -0.18 -23.02
C SER B 254 18.75 -1.08 -23.64
N LYS B 255 18.20 -0.66 -24.79
CA LYS B 255 17.21 -1.44 -25.53
C LYS B 255 17.85 -2.46 -26.47
N GLY B 256 19.17 -2.43 -26.63
CA GLY B 256 19.82 -3.40 -27.49
C GLY B 256 19.70 -4.81 -26.97
N SER B 257 20.31 -5.75 -27.69
CA SER B 257 20.30 -7.14 -27.30
C SER B 257 21.07 -7.34 -26.00
N TRP B 258 20.64 -8.31 -25.22
CA TRP B 258 21.29 -8.56 -23.94
C TRP B 258 22.72 -9.06 -24.18
N PRO B 259 23.64 -8.76 -23.27
CA PRO B 259 25.05 -9.12 -23.47
C PRO B 259 25.27 -10.62 -23.49
N ILE B 260 26.32 -11.03 -24.22
CA ILE B 260 26.45 -12.43 -24.62
C ILE B 260 26.75 -13.30 -23.42
N SER B 261 27.30 -12.75 -22.35
CA SER B 261 27.49 -13.53 -21.14
C SER B 261 26.17 -13.98 -20.51
N THR B 262 25.02 -13.43 -20.94
CA THR B 262 23.73 -13.87 -20.40
C THR B 262 23.05 -14.91 -21.29
N LYS B 263 23.74 -15.37 -22.35
CA LYS B 263 23.05 -16.09 -23.42
C LYS B 263 22.38 -17.37 -22.91
N GLU B 264 23.04 -18.10 -22.03
CA GLU B 264 22.41 -19.26 -21.40
C GLU B 264 21.96 -18.98 -19.98
N GLY B 265 21.79 -17.70 -19.63
CA GLY B 265 21.16 -17.34 -18.36
C GLY B 265 19.65 -17.39 -18.47
N LEU B 266 18.99 -17.22 -17.32
CA LEU B 266 17.53 -17.24 -17.27
C LEU B 266 16.99 -18.59 -17.76
N PRO B 267 17.42 -19.71 -17.15
CA PRO B 267 17.02 -21.03 -17.70
C PRO B 267 15.60 -21.42 -17.29
N ILE B 268 14.63 -20.65 -17.77
CA ILE B 268 13.26 -20.82 -17.29
C ILE B 268 12.41 -21.69 -18.23
N GLN B 269 13.04 -22.31 -19.25
CA GLN B 269 12.30 -22.95 -20.34
C GLN B 269 11.43 -24.10 -19.84
N GLY B 270 11.88 -24.85 -18.84
CA GLY B 270 11.07 -25.95 -18.33
C GLY B 270 10.14 -25.57 -17.20
N TRP B 271 10.07 -24.28 -16.86
CA TRP B 271 9.34 -23.82 -15.67
C TRP B 271 8.32 -22.78 -16.06
N LEU B 272 8.75 -21.59 -16.46
CA LEU B 272 7.88 -20.57 -17.03
C LEU B 272 7.77 -20.67 -18.55
N GLY B 273 8.73 -21.32 -19.21
CA GLY B 273 8.53 -21.68 -20.60
C GLY B 273 9.26 -20.79 -21.58
N THR B 274 9.24 -21.23 -22.85
CA THR B 274 10.11 -20.60 -23.84
C THR B 274 9.55 -19.28 -24.36
N LYS B 275 8.22 -19.15 -24.42
CA LYS B 275 7.65 -17.89 -24.89
C LYS B 275 7.88 -16.80 -23.86
N VAL B 276 7.83 -17.16 -22.58
CA VAL B 276 8.10 -16.20 -21.51
C VAL B 276 9.55 -15.73 -21.59
N ARG B 277 10.48 -16.69 -21.61
CA ARG B 277 11.90 -16.35 -21.71
C ARG B 277 12.17 -15.41 -22.87
N THR B 278 11.61 -15.74 -24.06
CA THR B 278 11.83 -14.91 -25.24
C THR B 278 11.33 -13.49 -25.01
N ASN B 279 10.17 -13.36 -24.38
CA ASN B 279 9.61 -12.02 -24.25
C ASN B 279 10.30 -11.21 -23.15
N LEU B 280 10.88 -11.87 -22.16
CA LEU B 280 11.69 -11.17 -21.17
C LEU B 280 13.01 -10.70 -21.78
N ARG B 281 13.61 -11.50 -22.66
CA ARG B 281 14.89 -11.12 -23.24
C ARG B 281 14.75 -10.11 -24.37
N ARG B 282 13.54 -9.74 -24.75
CA ARG B 282 13.31 -8.61 -25.66
C ARG B 282 13.20 -7.30 -24.90
N GLU B 283 13.01 -7.35 -23.59
CA GLU B 283 13.01 -6.15 -22.79
C GLU B 283 14.40 -5.56 -22.73
N PRO B 284 14.53 -4.29 -22.32
CA PRO B 284 15.85 -3.69 -22.15
C PRO B 284 16.63 -4.36 -21.03
N PHE B 285 17.92 -4.05 -20.95
CA PHE B 285 18.70 -4.39 -19.76
C PHE B 285 19.23 -3.12 -19.13
N TYR B 286 19.78 -3.24 -17.92
CA TYR B 286 20.12 -2.06 -17.13
C TYR B 286 21.55 -2.19 -16.62
N LEU B 287 22.21 -1.05 -16.47
CA LEU B 287 23.55 -0.97 -15.91
C LEU B 287 23.51 -0.07 -14.69
N VAL B 288 24.02 -0.55 -13.56
CA VAL B 288 24.06 0.30 -12.36
C VAL B 288 25.51 0.63 -12.08
N PRO B 289 25.79 1.78 -11.49
CA PRO B 289 27.18 2.22 -11.27
C PRO B 289 27.80 1.55 -10.05
N LYS B 290 27.94 0.23 -10.13
CA LYS B 290 28.69 -0.53 -9.16
C LYS B 290 30.03 -0.90 -9.78
N ASN B 291 31.08 -0.38 -9.21
CA ASN B 291 32.36 -0.65 -9.73
C ASN B 291 32.87 -1.92 -9.25
N ALA B 292 33.59 -2.58 -10.11
CA ALA B 292 34.28 -3.79 -9.79
C ALA B 292 35.56 -3.38 -9.09
N LYS B 293 36.09 -4.26 -8.26
CA LYS B 293 37.30 -3.96 -7.50
C LYS B 293 38.56 -4.69 -7.90
N ASP B 294 38.93 -4.73 -9.18
CA ASP B 294 40.14 -5.46 -9.57
C ASP B 294 40.75 -4.98 -10.89
N GLY B 295 41.44 -3.84 -10.87
CA GLY B 295 42.01 -3.32 -12.10
C GLY B 295 42.96 -2.18 -11.83
N ASN B 296 43.44 -1.59 -12.91
CA ASN B 296 44.42 -0.50 -12.86
C ASN B 296 43.75 0.85 -13.12
N SER B 297 42.86 1.20 -12.19
CA SER B 297 42.23 2.53 -12.10
C SER B 297 41.32 2.84 -13.28
N PHE B 298 40.85 1.83 -14.01
CA PHE B 298 39.59 1.96 -14.73
C PHE B 298 38.45 1.25 -13.96
N GLN B 299 38.66 1.03 -12.67
CA GLN B 299 37.62 0.46 -11.80
C GLN B 299 36.50 1.46 -11.57
N GLY B 300 36.83 2.69 -11.20
CA GLY B 300 35.82 3.70 -10.89
C GLY B 300 34.85 3.98 -12.04
N GLU B 301 35.14 3.49 -13.25
CA GLU B 301 34.29 3.71 -14.40
C GLU B 301 33.40 2.52 -14.75
N THR B 302 33.59 1.36 -14.11
CA THR B 302 32.85 0.17 -14.51
C THR B 302 31.41 0.19 -14.00
N TRP B 303 30.53 -0.44 -14.77
CA TRP B 303 29.13 -0.60 -14.41
C TRP B 303 28.84 -2.08 -14.29
N ARG B 304 27.70 -2.40 -13.67
CA ARG B 304 27.29 -3.78 -13.43
C ARG B 304 25.89 -3.99 -13.99
N LEU B 305 25.69 -5.13 -14.66
CA LEU B 305 24.38 -5.47 -15.20
C LEU B 305 23.37 -5.63 -14.05
N SER B 306 22.13 -5.20 -14.30
CA SER B 306 21.04 -5.40 -13.36
C SER B 306 19.82 -5.98 -14.08
N PHE B 307 19.20 -6.99 -13.49
CA PHE B 307 17.95 -7.54 -14.00
C PHE B 307 16.82 -7.45 -12.97
N SER B 308 16.82 -6.38 -12.16
CA SER B 308 15.77 -6.16 -11.16
C SER B 308 14.37 -6.22 -11.74
N HIS B 309 14.15 -5.62 -12.91
CA HIS B 309 12.81 -5.63 -13.51
C HIS B 309 12.37 -7.04 -13.90
N THR B 310 13.28 -7.81 -14.52
CA THR B 310 12.99 -9.20 -14.83
C THR B 310 12.72 -10.00 -13.57
N GLU B 311 13.46 -9.72 -12.50
CA GLU B 311 13.33 -10.43 -11.24
C GLU B 311 11.97 -10.17 -10.60
N LYS B 312 11.53 -8.90 -10.62
CA LYS B 312 10.17 -8.59 -10.22
C LYS B 312 9.17 -9.49 -10.94
N TYR B 313 9.28 -9.59 -12.29
CA TYR B 313 8.37 -10.42 -13.04
C TYR B 313 8.40 -11.86 -12.55
N ILE B 314 9.59 -12.44 -12.41
CA ILE B 314 9.70 -13.84 -11.98
C ILE B 314 9.05 -14.03 -10.61
N LEU B 315 9.36 -13.13 -9.68
CA LEU B 315 8.83 -13.25 -8.32
C LEU B 315 7.29 -13.26 -8.31
N ASN B 316 6.66 -12.42 -9.14
CA ASN B 316 5.22 -12.25 -9.20
C ASN B 316 4.53 -13.20 -10.18
N ASN B 317 5.28 -13.87 -11.06
CA ASN B 317 4.73 -14.81 -12.06
C ASN B 317 5.54 -16.10 -11.97
N HIS B 318 5.45 -16.77 -10.82
CA HIS B 318 6.44 -17.74 -10.40
C HIS B 318 6.00 -19.19 -10.55
N GLY B 319 4.77 -19.43 -10.97
CA GLY B 319 4.26 -20.78 -11.08
C GLY B 319 4.27 -21.28 -12.52
N ILE B 320 4.20 -22.59 -12.68
CA ILE B 320 3.94 -23.12 -14.02
C ILE B 320 2.50 -22.84 -14.45
N GLU B 321 1.54 -22.97 -13.54
CA GLU B 321 0.18 -22.56 -13.85
C GLU B 321 0.08 -21.04 -13.80
N LYS B 322 -0.68 -20.50 -14.75
CA LYS B 322 -0.84 -19.05 -14.84
C LYS B 322 -1.65 -18.48 -13.68
N THR B 323 -2.43 -19.31 -12.98
CA THR B 323 -3.22 -18.84 -11.85
C THR B 323 -2.59 -19.16 -10.50
N CYS B 324 -1.32 -19.54 -10.48
CA CYS B 324 -0.65 -19.82 -9.20
C CYS B 324 -0.70 -18.61 -8.28
N CYS B 325 -1.21 -18.81 -7.05
CA CYS B 325 -1.40 -17.74 -6.06
C CYS B 325 -2.36 -16.66 -6.53
N GLU B 326 -3.20 -16.93 -7.53
CA GLU B 326 -4.24 -15.99 -7.93
C GLU B 326 -5.56 -16.33 -7.25
N SER B 327 -6.53 -15.41 -7.39
CA SER B 327 -7.80 -15.57 -6.69
C SER B 327 -8.55 -16.80 -7.15
N SER B 328 -8.41 -17.19 -8.43
CA SER B 328 -9.11 -18.36 -8.95
C SER B 328 -8.15 -19.51 -9.23
N GLY B 329 -7.02 -19.55 -8.51
CA GLY B 329 -6.09 -20.65 -8.65
C GLY B 329 -5.59 -21.12 -7.29
N ALA B 330 -4.58 -22.00 -7.26
CA ALA B 330 -4.13 -22.59 -6.01
C ALA B 330 -2.92 -21.85 -5.44
N LYS B 331 -2.86 -21.78 -4.09
CA LYS B 331 -1.70 -21.20 -3.42
C LYS B 331 -0.49 -22.12 -3.48
N CYS B 332 0.70 -21.52 -3.58
CA CYS B 332 1.94 -22.23 -3.37
C CYS B 332 2.70 -21.52 -2.26
N CYS B 333 3.73 -22.20 -1.70
CA CYS B 333 4.56 -21.62 -0.65
C CYS B 333 5.92 -21.12 -1.16
N ARG B 334 6.06 -20.85 -2.46
CA ARG B 334 7.35 -20.38 -2.97
C ARG B 334 7.80 -19.09 -2.27
N LYS B 335 6.94 -18.07 -2.27
CA LYS B 335 7.32 -16.78 -1.73
C LYS B 335 7.53 -16.86 -0.23
N GLU B 336 6.73 -17.70 0.43
CA GLU B 336 6.87 -17.93 1.86
C GLU B 336 8.24 -18.51 2.17
N CYS B 337 8.70 -19.45 1.36
CA CYS B 337 10.04 -19.99 1.56
C CYS B 337 11.09 -18.91 1.41
N LEU B 338 10.88 -17.99 0.47
CA LEU B 338 11.83 -16.91 0.28
C LEU B 338 11.83 -15.98 1.50
N LYS B 339 10.64 -15.55 1.94
CA LYS B 339 10.56 -14.71 3.14
C LYS B 339 11.25 -15.39 4.32
N LEU B 340 11.01 -16.69 4.50
CA LEU B 340 11.63 -17.40 5.63
C LEU B 340 13.15 -17.44 5.49
N MET B 341 13.65 -17.72 4.29
CA MET B 341 15.10 -17.77 4.12
C MET B 341 15.72 -16.39 4.35
N LYS B 342 15.09 -15.35 3.80
CA LYS B 342 15.63 -14.03 3.98
C LYS B 342 15.55 -13.57 5.44
N TYR B 343 14.46 -13.93 6.15
CA TYR B 343 14.40 -13.58 7.57
C TYR B 343 15.48 -14.32 8.36
N LEU B 344 15.73 -15.58 8.01
CA LEU B 344 16.77 -16.33 8.72
C LEU B 344 18.14 -15.71 8.52
N LEU B 345 18.54 -15.47 7.25
CA LEU B 345 19.80 -14.77 7.02
C LEU B 345 19.85 -13.44 7.79
N GLU B 346 18.74 -12.72 7.81
CA GLU B 346 18.71 -11.38 8.39
C GLU B 346 19.03 -11.41 9.88
N GLN B 347 18.42 -12.37 10.60
CA GLN B 347 18.66 -12.50 12.03
C GLN B 347 20.07 -13.00 12.31
N LEU B 348 20.54 -13.95 11.50
CA LEU B 348 21.93 -14.37 11.64
C LEU B 348 22.88 -13.20 11.41
N LYS B 349 22.63 -12.40 10.36
CA LYS B 349 23.53 -11.28 10.08
C LYS B 349 23.52 -10.25 11.20
N LYS B 350 22.41 -10.15 11.95
CA LYS B 350 22.38 -9.18 13.06
C LYS B 350 23.36 -9.56 14.17
N GLU B 351 23.43 -10.85 14.51
CA GLU B 351 24.29 -11.26 15.62
C GLU B 351 25.75 -11.35 15.25
N PHE B 352 26.08 -11.64 13.98
CA PHE B 352 27.43 -12.04 13.60
C PHE B 352 27.96 -11.24 12.41
N GLN B 353 28.71 -10.17 12.69
CA GLN B 353 29.42 -9.46 11.62
C GLN B 353 30.30 -10.38 10.78
N GLU B 354 30.59 -11.60 11.25
CA GLU B 354 31.28 -12.57 10.38
C GLU B 354 30.44 -12.91 9.15
N LEU B 355 29.16 -12.56 9.16
CA LEU B 355 28.28 -12.81 8.02
C LEU B 355 28.12 -11.59 7.12
N ASP B 356 29.02 -10.60 7.22
CA ASP B 356 28.86 -9.38 6.43
C ASP B 356 28.83 -9.65 4.93
N ALA B 357 29.55 -10.62 4.45
CA ALA B 357 29.58 -10.83 3.04
C ALA B 357 28.33 -11.39 2.40
N PHE B 358 27.41 -11.92 3.16
CA PHE B 358 26.22 -12.46 2.57
C PHE B 358 25.15 -11.43 2.49
N CYS B 359 24.24 -11.58 1.56
CA CYS B 359 23.27 -10.54 1.30
C CYS B 359 22.03 -11.19 0.68
N SER B 360 20.93 -10.44 0.67
CA SER B 360 19.67 -11.00 0.20
C SER B 360 19.76 -11.53 -1.23
N TYR B 361 20.61 -10.91 -2.07
CA TYR B 361 20.65 -11.36 -3.45
C TYR B 361 21.15 -12.81 -3.54
N HIS B 362 22.04 -13.23 -2.63
CA HIS B 362 22.47 -14.62 -2.58
C HIS B 362 21.28 -15.57 -2.39
N VAL B 363 20.40 -15.26 -1.42
CA VAL B 363 19.26 -16.09 -1.12
C VAL B 363 18.27 -16.09 -2.29
N LYS B 364 18.00 -14.91 -2.81
CA LYS B 364 17.13 -14.77 -3.95
C LYS B 364 17.68 -15.57 -5.14
N THR B 365 18.99 -15.49 -5.38
CA THR B 365 19.59 -16.29 -6.46
C THR B 365 19.40 -17.78 -6.21
N ALA B 366 19.61 -18.21 -4.98
CA ALA B 366 19.46 -19.63 -4.67
C ALA B 366 18.02 -20.11 -4.86
N ILE B 367 17.02 -19.27 -4.58
CA ILE B 367 15.66 -19.79 -4.73
C ILE B 367 15.24 -19.80 -6.19
N PHE B 368 15.80 -18.88 -7.01
CA PHE B 368 15.59 -18.97 -8.44
C PHE B 368 16.02 -20.33 -8.95
N HIS B 369 17.20 -20.79 -8.52
CA HIS B 369 17.66 -22.12 -8.94
C HIS B 369 16.75 -23.21 -8.40
N MET B 370 16.32 -23.09 -7.14
CA MET B 370 15.39 -24.05 -6.57
C MET B 370 14.12 -24.14 -7.39
N TRP B 371 13.58 -23.00 -7.80
CA TRP B 371 12.31 -22.99 -8.52
C TRP B 371 12.48 -23.56 -9.93
N THR B 372 13.68 -23.39 -10.50
CA THR B 372 14.00 -24.04 -11.76
C THR B 372 14.08 -25.54 -11.61
N GLN B 373 14.75 -26.00 -10.55
CA GLN B 373 14.91 -27.42 -10.30
C GLN B 373 13.57 -28.12 -10.01
N ASP B 374 12.76 -27.52 -9.14
CA ASP B 374 11.45 -28.08 -8.82
C ASP B 374 10.38 -27.17 -9.37
N PRO B 375 10.11 -27.23 -10.68
CA PRO B 375 9.24 -26.22 -11.30
C PRO B 375 7.75 -26.47 -11.12
N GLN B 376 7.34 -27.65 -10.65
CA GLN B 376 5.92 -27.97 -10.54
C GLN B 376 5.32 -27.28 -9.32
N ASP B 377 4.20 -26.59 -9.52
CA ASP B 377 3.51 -25.98 -8.38
C ASP B 377 3.20 -26.99 -7.28
N SER B 378 3.02 -28.27 -7.63
CA SER B 378 2.75 -29.29 -6.62
C SER B 378 3.96 -29.54 -5.73
N GLN B 379 5.16 -29.22 -6.19
CA GLN B 379 6.37 -29.31 -5.39
C GLN B 379 6.50 -28.15 -4.40
N TRP B 380 5.51 -27.25 -4.34
CA TRP B 380 5.55 -26.12 -3.43
C TRP B 380 4.18 -25.95 -2.75
N ASP B 381 3.65 -27.06 -2.27
CA ASP B 381 2.33 -27.04 -1.64
C ASP B 381 2.41 -26.36 -0.28
N PRO B 382 1.54 -25.39 0.02
CA PRO B 382 1.48 -24.85 1.38
C PRO B 382 1.48 -25.90 2.47
N ARG B 383 0.93 -27.08 2.19
CA ARG B 383 0.92 -28.15 3.18
C ARG B 383 2.30 -28.74 3.41
N ASN B 384 3.25 -28.51 2.50
CA ASN B 384 4.59 -29.07 2.59
C ASN B 384 5.64 -27.99 2.88
N LEU B 385 5.24 -26.91 3.55
CA LEU B 385 6.15 -25.78 3.76
C LEU B 385 7.45 -26.21 4.43
N SER B 386 7.36 -27.10 5.42
CA SER B 386 8.54 -27.57 6.13
C SER B 386 9.54 -28.25 5.19
N SER B 387 9.04 -29.18 4.35
CA SER B 387 9.91 -29.87 3.41
C SER B 387 10.49 -28.90 2.40
N CYS B 388 9.64 -28.05 1.82
CA CYS B 388 10.12 -27.10 0.84
C CYS B 388 11.17 -26.18 1.45
N PHE B 389 10.88 -25.61 2.62
CA PHE B 389 11.89 -24.80 3.30
C PHE B 389 13.17 -25.60 3.51
N ASP B 390 13.02 -26.88 3.90
CA ASP B 390 14.21 -27.66 4.20
C ASP B 390 15.03 -27.94 2.94
N LYS B 391 14.36 -28.12 1.80
CA LYS B 391 15.15 -28.41 0.59
C LYS B 391 15.83 -27.15 0.07
N LEU B 392 15.25 -25.98 0.35
CA LEU B 392 15.96 -24.73 0.03
C LEU B 392 17.17 -24.55 0.92
N LEU B 393 17.04 -24.87 2.22
CA LEU B 393 18.18 -24.83 3.13
C LEU B 393 19.27 -25.80 2.69
N ALA B 394 18.89 -27.01 2.33
CA ALA B 394 19.87 -28.02 1.92
C ALA B 394 20.59 -27.59 0.65
N PHE B 395 19.85 -27.06 -0.32
CA PHE B 395 20.44 -26.53 -1.54
C PHE B 395 21.44 -25.43 -1.24
N PHE B 396 21.03 -24.43 -0.44
CA PHE B 396 21.92 -23.33 -0.06
C PHE B 396 23.17 -23.86 0.64
N LEU B 397 22.99 -24.79 1.58
CA LEU B 397 24.14 -25.37 2.27
C LEU B 397 25.12 -26.00 1.27
N GLU B 398 24.60 -26.66 0.24
CA GLU B 398 25.46 -27.27 -0.76
C GLU B 398 26.18 -26.23 -1.61
N CYS B 399 25.53 -25.10 -1.91
CA CYS B 399 26.22 -24.01 -2.59
C CYS B 399 27.37 -23.50 -1.76
N LEU B 400 27.14 -23.32 -0.45
CA LEU B 400 28.19 -22.88 0.45
C LEU B 400 29.37 -23.84 0.42
N ARG B 401 29.09 -25.14 0.52
CA ARG B 401 30.17 -26.11 0.68
C ARG B 401 30.96 -26.28 -0.62
N THR B 402 30.29 -26.36 -1.78
CA THR B 402 30.99 -26.36 -3.06
C THR B 402 31.45 -24.98 -3.48
N GLU B 403 31.19 -23.94 -2.68
CA GLU B 403 31.57 -22.57 -3.02
C GLU B 403 31.17 -22.23 -4.45
N LYS B 404 29.93 -22.57 -4.80
CA LYS B 404 29.41 -22.34 -6.14
C LYS B 404 27.96 -21.91 -6.04
N LEU B 405 27.69 -20.70 -6.52
CA LEU B 405 26.32 -20.19 -6.62
C LEU B 405 26.31 -19.29 -7.85
N ASP B 406 25.78 -19.81 -8.96
CA ASP B 406 25.82 -19.09 -10.22
C ASP B 406 24.78 -17.97 -10.23
N HIS B 407 25.20 -16.80 -10.70
CA HIS B 407 24.27 -15.74 -11.02
C HIS B 407 23.23 -16.26 -12.01
N TYR B 408 21.95 -16.07 -11.67
CA TYR B 408 20.87 -16.68 -12.44
C TYR B 408 20.80 -16.16 -13.87
N PHE B 409 21.30 -14.95 -14.12
CA PHE B 409 21.26 -14.41 -15.46
C PHE B 409 22.60 -14.49 -16.16
N ILE B 410 23.68 -14.70 -15.42
CA ILE B 410 25.03 -14.71 -15.95
C ILE B 410 25.71 -15.97 -15.43
N PRO B 411 25.61 -17.10 -16.11
CA PRO B 411 26.12 -18.34 -15.54
C PRO B 411 27.62 -18.31 -15.28
N LYS B 412 28.36 -17.41 -15.96
CA LYS B 412 29.79 -17.24 -15.73
C LYS B 412 30.06 -16.83 -14.30
N PHE B 413 29.23 -15.93 -13.79
CA PHE B 413 29.53 -15.15 -12.59
C PHE B 413 29.18 -15.97 -11.34
N ASN B 414 30.21 -16.44 -10.64
CA ASN B 414 30.03 -17.25 -9.42
C ASN B 414 29.99 -16.32 -8.19
N LEU B 415 28.80 -16.11 -7.64
CA LEU B 415 28.66 -15.24 -6.46
C LEU B 415 29.42 -15.78 -5.25
N PHE B 416 29.65 -17.08 -5.19
CA PHE B 416 30.32 -17.73 -4.06
C PHE B 416 31.75 -18.15 -4.39
N SER B 417 32.41 -17.44 -5.31
CA SER B 417 33.80 -17.76 -5.58
C SER B 417 34.68 -17.32 -4.41
N GLN B 418 35.86 -17.95 -4.33
CA GLN B 418 36.82 -17.61 -3.27
C GLN B 418 37.30 -16.16 -3.38
N GLU B 419 37.33 -15.59 -4.60
CA GLU B 419 37.74 -14.20 -4.74
C GLU B 419 36.81 -13.27 -3.98
N LEU B 420 35.54 -13.67 -3.81
CA LEU B 420 34.52 -12.79 -3.26
C LEU B 420 34.18 -13.08 -1.80
N ILE B 421 34.20 -14.34 -1.39
CA ILE B 421 33.79 -14.73 -0.04
C ILE B 421 34.81 -15.73 0.46
N ASP B 422 35.46 -15.40 1.59
CA ASP B 422 36.36 -16.32 2.27
C ASP B 422 35.70 -17.68 2.44
N ARG B 423 36.49 -18.74 2.37
CA ARG B 423 35.92 -20.04 2.69
C ARG B 423 35.55 -20.13 4.16
N LYS B 424 36.30 -19.44 5.03
CA LYS B 424 35.99 -19.50 6.45
C LYS B 424 34.64 -18.84 6.73
N SER B 425 34.25 -17.84 5.92
CA SER B 425 32.95 -17.23 6.11
C SER B 425 31.83 -18.14 5.61
N LYS B 426 32.04 -18.81 4.47
CA LYS B 426 31.08 -19.83 4.02
C LYS B 426 30.91 -20.90 5.09
N GLU B 427 32.02 -21.36 5.67
CA GLU B 427 31.93 -22.43 6.67
C GLU B 427 31.22 -21.95 7.92
N PHE B 428 31.42 -20.67 8.27
CA PHE B 428 30.73 -20.08 9.41
C PHE B 428 29.22 -20.06 9.21
N LEU B 429 28.78 -19.59 8.03
CA LEU B 429 27.34 -19.52 7.76
C LEU B 429 26.74 -20.92 7.73
N SER B 430 27.41 -21.86 7.06
CA SER B 430 26.99 -23.27 7.10
C SER B 430 26.82 -23.77 8.53
N LYS B 431 27.82 -23.52 9.39
CA LYS B 431 27.70 -23.95 10.79
C LYS B 431 26.43 -23.41 11.42
N LYS B 432 26.21 -22.09 11.31
CA LYS B 432 25.05 -21.46 11.93
C LYS B 432 23.74 -21.96 11.32
N ILE B 433 23.71 -22.18 10.01
CA ILE B 433 22.47 -22.63 9.38
C ILE B 433 22.16 -24.05 9.82
N GLU B 434 23.17 -24.92 9.83
CA GLU B 434 22.97 -26.29 10.29
C GLU B 434 22.46 -26.31 11.72
N TYR B 435 23.09 -25.52 12.59
CA TYR B 435 22.65 -25.45 13.97
C TYR B 435 21.17 -25.09 14.06
N GLU B 436 20.75 -24.07 13.32
CA GLU B 436 19.34 -23.68 13.38
C GLU B 436 18.46 -24.78 12.81
N ARG B 437 18.88 -25.36 11.68
CA ARG B 437 18.20 -26.51 11.11
C ARG B 437 18.13 -27.67 12.09
N ASN B 438 19.25 -27.95 12.78
CA ASN B 438 19.32 -29.13 13.64
C ASN B 438 18.47 -29.01 14.90
N ASN B 439 18.12 -27.78 15.31
CA ASN B 439 17.56 -27.53 16.64
C ASN B 439 16.24 -26.76 16.54
N GLY B 440 15.44 -27.08 15.52
CA GLY B 440 14.09 -26.51 15.42
C GLY B 440 14.04 -25.01 15.33
N PHE B 441 15.12 -24.36 14.89
CA PHE B 441 15.17 -22.94 14.59
C PHE B 441 14.94 -22.10 15.83
N PRO B 442 15.80 -22.22 16.84
CA PRO B 442 15.63 -21.38 18.04
C PRO B 442 15.66 -19.90 17.75
N ILE B 443 16.21 -19.49 16.61
CA ILE B 443 16.29 -18.08 16.31
C ILE B 443 14.93 -17.51 15.98
N PHE B 444 14.00 -18.34 15.51
CA PHE B 444 12.63 -17.91 15.35
C PHE B 444 11.90 -17.83 16.67
N ASP B 445 12.57 -18.21 17.74
CA ASP B 445 11.98 -18.15 19.04
C ASP B 445 11.97 -16.71 19.39
N LYS B 446 10.89 -16.12 18.95
CA LYS B 446 10.49 -14.74 19.15
C LYS B 446 9.00 -14.94 19.29
N LEU B 447 8.65 -15.78 20.25
CA LEU B 447 7.30 -16.15 20.57
C LEU B 447 6.47 -16.52 19.34
#